data_6OHO
#
_entry.id   6OHO
#
_cell.length_a   91.705
_cell.length_b   131.336
_cell.length_c   107.294
_cell.angle_alpha   90.00
_cell.angle_beta   111.77
_cell.angle_gamma   90.00
#
_symmetry.space_group_name_H-M   'C 1 2 1'
#
loop_
_entity.id
_entity.type
_entity.pdbx_description
1 polymer 'Phospholipase D2'
2 non-polymer 'SULFATE ION'
3 non-polymer GLYCEROL
4 non-polymer 2,3-DIHYDROXY-1,4-DITHIOBUTANE
5 water water
#
_entity_poly.entity_id   1
_entity_poly.type   'polypeptide(L)'
_entity_poly.pdbx_seq_one_letter_code
;SSYRQARWWAQEITELAQGPGRDFLQLHRHDSYAPPRPGTLARWFVNGAGYFAAVADAILRAQEEIFITDWWLSPEVYLK
RPAHSDDWRLDIMLKRKAEEGVRVSILLFKEVELALGINSGYSKRALMLLHPNIKVMRHPDQVTLWAHHEKLLVVDQVVA
FLGGLDLAYGRWDDLHYRLTDLGDSSESAASQPPTPRPDSPATPDLSHNQFFWLGKDYSNLITKDWVQLDRPFEDFIDRE
TTPRMPWRDVGVVVHGLPARDLARHFIQRWNFTKTTKAKYKTPTYPYLLPKSTSTANQLPFTLPGGQCTTVQVLRSVDRW
SAGTLENSILNAYLHTIRESQHFLYIENQFFISCSDGRTVLNKVGDEIVDRILKAHKQGWCYRVYVLLPLLPGFEGDIST
GGGNSIQAILHFTYRTLCRGEYSILHRLKAAMGTAWRDYISICGLRTHGELGGHPVSELIYIHSKVLIADDRTVIIGSAN
INDRSLLGKRDSELAVLIEDTETEPSLMNGAEYQAGRFALSLRKHCFGVILGANTRPDLDLRDPICDDFFQLWQDMAESN
ANIYEQIFRCLPSNATRSLRTLREYVAVEPLATVSPPLARSELTQVQGHLVHFPLKFLEDESLLPPLGSKEGMIPLEVWT
;
_entity_poly.pdbx_strand_id   A,B
#
loop_
_chem_comp.id
_chem_comp.type
_chem_comp.name
_chem_comp.formula
DTT non-polymer 2,3-DIHYDROXY-1,4-DITHIOBUTANE 'C4 H10 O2 S2'
GOL non-polymer GLYCEROL 'C3 H8 O3'
SO4 non-polymer 'SULFATE ION' 'O4 S -2'
#
# COMPACT_ATOMS: atom_id res chain seq x y z
N ARG A 22 -18.24 11.80 14.62
CA ARG A 22 -16.87 12.03 14.19
C ARG A 22 -16.81 12.22 12.67
N ASP A 23 -15.60 12.39 12.15
CA ASP A 23 -15.37 13.00 10.86
C ASP A 23 -15.08 11.96 9.77
N PHE A 24 -15.07 12.45 8.53
CA PHE A 24 -14.73 11.68 7.34
C PHE A 24 -13.65 12.38 6.53
N LEU A 25 -12.84 13.23 7.18
CA LEU A 25 -11.78 13.94 6.49
C LEU A 25 -10.52 13.09 6.34
N GLN A 26 -10.27 12.19 7.30
CA GLN A 26 -9.12 11.31 7.29
C GLN A 26 -9.58 9.88 7.50
N LEU A 27 -8.67 8.93 7.28
CA LEU A 27 -8.92 7.54 7.61
C LEU A 27 -8.75 7.32 9.10
N HIS A 28 -9.24 6.17 9.57
CA HIS A 28 -9.30 5.90 11.00
C HIS A 28 -8.66 4.53 11.26
N ARG A 29 -8.92 3.99 12.46
CA ARG A 29 -8.42 2.66 12.81
C ARG A 29 -8.69 1.66 11.71
N HIS A 30 -7.70 0.81 11.43
CA HIS A 30 -7.73 -0.18 10.36
C HIS A 30 -7.82 0.44 8.98
N ASP A 31 -7.46 1.73 8.87
CA ASP A 31 -7.53 2.48 7.62
C ASP A 31 -8.95 2.50 7.06
N SER A 32 -9.92 2.58 7.95
CA SER A 32 -11.32 2.62 7.53
C SER A 32 -11.78 4.07 7.33
N TYR A 33 -12.78 4.25 6.47
CA TYR A 33 -13.32 5.59 6.27
C TYR A 33 -14.14 6.06 7.46
N ALA A 34 -14.58 5.14 8.32
CA ALA A 34 -15.45 5.44 9.43
C ALA A 34 -14.76 5.13 10.75
N PRO A 35 -14.95 5.96 11.78
CA PRO A 35 -14.35 5.67 13.09
C PRO A 35 -15.18 4.66 13.85
N PRO A 36 -14.62 4.04 14.89
CA PRO A 36 -15.46 3.21 15.77
C PRO A 36 -16.44 4.08 16.54
N ARG A 37 -17.67 3.58 16.68
CA ARG A 37 -18.78 4.29 17.32
C ARG A 37 -19.13 3.61 18.64
N PRO A 38 -18.67 4.12 19.78
CA PRO A 38 -19.11 3.56 21.07
C PRO A 38 -20.59 3.77 21.32
N GLY A 39 -21.16 2.92 22.16
CA GLY A 39 -22.53 3.09 22.57
C GLY A 39 -23.55 2.77 21.50
N THR A 40 -23.18 1.92 20.55
CA THR A 40 -24.02 1.54 19.43
C THR A 40 -24.90 0.36 19.81
N LEU A 41 -26.21 0.48 19.59
CA LEU A 41 -27.09 -0.66 19.73
C LEU A 41 -26.96 -1.56 18.51
N ALA A 42 -26.66 -2.83 18.72
CA ALA A 42 -26.45 -3.79 17.64
C ALA A 42 -27.07 -5.12 18.03
N ARG A 43 -27.69 -5.79 17.06
CA ARG A 43 -28.29 -7.11 17.27
C ARG A 43 -27.89 -8.03 16.13
N TRP A 44 -27.39 -9.22 16.48
CA TRP A 44 -27.01 -10.18 15.45
C TRP A 44 -28.21 -11.04 15.06
N PHE A 45 -28.15 -11.60 13.85
CA PHE A 45 -29.15 -12.56 13.38
C PHE A 45 -28.43 -13.77 12.80
N VAL A 46 -28.93 -14.95 13.13
CA VAL A 46 -28.49 -16.18 12.49
C VAL A 46 -29.65 -16.71 11.67
N ASN A 47 -29.41 -16.92 10.37
CA ASN A 47 -30.39 -17.40 9.39
C ASN A 47 -31.34 -16.30 8.94
N GLY A 48 -31.93 -16.47 7.75
CA GLY A 48 -32.71 -15.42 7.14
C GLY A 48 -34.04 -15.10 7.81
N ALA A 49 -34.60 -16.04 8.58
CA ALA A 49 -35.96 -15.88 9.07
C ALA A 49 -36.09 -14.62 9.94
N GLY A 50 -35.22 -14.47 10.93
CA GLY A 50 -35.31 -13.31 11.80
C GLY A 50 -34.76 -12.06 11.15
N TYR A 51 -33.74 -12.21 10.30
CA TYR A 51 -33.19 -11.07 9.59
C TYR A 51 -34.23 -10.49 8.63
N PHE A 52 -34.85 -11.33 7.80
CA PHE A 52 -35.84 -10.83 6.85
C PHE A 52 -37.09 -10.30 7.55
N ALA A 53 -37.47 -10.90 8.69
CA ALA A 53 -38.58 -10.33 9.45
C ALA A 53 -38.24 -8.93 9.97
N ALA A 54 -37.03 -8.76 10.49
CA ALA A 54 -36.66 -7.46 11.03
C ALA A 54 -36.48 -6.43 9.92
N VAL A 55 -35.97 -6.85 8.76
CA VAL A 55 -36.00 -5.98 7.58
C VAL A 55 -37.42 -5.55 7.27
N ALA A 56 -38.38 -6.48 7.33
CA ALA A 56 -39.76 -6.14 7.05
C ALA A 56 -40.29 -5.12 8.04
N ASP A 57 -40.04 -5.32 9.33
CA ASP A 57 -40.49 -4.35 10.33
C ASP A 57 -39.89 -2.97 10.05
N ALA A 58 -38.61 -2.95 9.68
CA ALA A 58 -37.94 -1.66 9.46
C ALA A 58 -38.47 -0.96 8.23
N ILE A 59 -38.70 -1.71 7.14
CA ILE A 59 -39.27 -1.12 5.93
C ILE A 59 -40.61 -0.47 6.26
N LEU A 60 -41.43 -1.17 7.05
CA LEU A 60 -42.74 -0.67 7.43
C LEU A 60 -42.67 0.66 8.17
N ARG A 61 -41.62 0.90 8.95
CA ARG A 61 -41.54 2.12 9.74
C ARG A 61 -40.75 3.24 9.04
N ALA A 62 -40.30 3.02 7.81
CA ALA A 62 -39.56 4.05 7.09
C ALA A 62 -40.41 5.29 6.87
N GLN A 63 -39.80 6.46 7.07
CA GLN A 63 -40.46 7.74 6.90
C GLN A 63 -39.89 8.61 5.80
N GLU A 64 -38.64 8.40 5.40
CA GLU A 64 -38.00 9.30 4.43
C GLU A 64 -37.30 8.55 3.31
N GLU A 65 -36.46 7.59 3.65
CA GLU A 65 -35.54 6.97 2.70
C GLU A 65 -35.33 5.50 3.04
N ILE A 66 -35.19 4.70 1.99
CA ILE A 66 -34.73 3.32 2.11
C ILE A 66 -33.60 3.15 1.10
N PHE A 67 -32.42 2.74 1.57
CA PHE A 67 -31.28 2.44 0.72
C PHE A 67 -31.06 0.94 0.69
N ILE A 68 -30.84 0.38 -0.50
CA ILE A 68 -30.68 -1.06 -0.66
C ILE A 68 -29.55 -1.32 -1.65
N THR A 69 -28.56 -2.13 -1.25
CA THR A 69 -27.58 -2.70 -2.16
C THR A 69 -27.74 -4.21 -2.12
N ASP A 70 -27.58 -4.83 -3.29
CA ASP A 70 -27.71 -6.28 -3.37
C ASP A 70 -26.86 -6.78 -4.53
N TRP A 71 -26.25 -7.94 -4.32
CA TRP A 71 -25.69 -8.70 -5.42
C TRP A 71 -26.80 -9.33 -6.25
N TRP A 72 -27.85 -9.79 -5.58
CA TRP A 72 -29.05 -10.32 -6.24
C TRP A 72 -30.26 -9.92 -5.40
N LEU A 73 -31.26 -9.36 -6.06
CA LEU A 73 -32.52 -8.99 -5.42
C LEU A 73 -33.64 -9.68 -6.17
N SER A 74 -34.38 -10.54 -5.46
CA SER A 74 -35.57 -11.17 -6.01
C SER A 74 -36.78 -10.33 -5.59
N PRO A 75 -37.40 -9.61 -6.51
CA PRO A 75 -38.46 -8.67 -6.09
C PRO A 75 -39.62 -9.33 -5.37
N GLU A 76 -40.01 -10.55 -5.76
CA GLU A 76 -41.18 -11.20 -5.21
C GLU A 76 -40.88 -12.07 -3.99
N VAL A 77 -39.71 -11.94 -3.38
CA VAL A 77 -39.41 -12.75 -2.19
C VAL A 77 -40.27 -12.30 -1.03
N TYR A 78 -40.69 -13.27 -0.21
CA TYR A 78 -41.51 -12.99 0.96
C TYR A 78 -40.61 -12.83 2.18
N LEU A 79 -40.84 -11.77 2.94
CA LEU A 79 -40.01 -11.47 4.11
C LEU A 79 -40.50 -12.14 5.38
N LYS A 80 -41.78 -12.53 5.42
CA LYS A 80 -42.36 -13.31 6.50
C LYS A 80 -43.08 -14.50 5.89
N ARG A 81 -43.07 -15.63 6.59
CA ARG A 81 -43.49 -16.91 6.04
C ARG A 81 -44.39 -17.64 7.03
N PRO A 82 -45.36 -18.45 6.54
CA PRO A 82 -45.65 -18.67 5.12
C PRO A 82 -46.53 -17.55 4.54
N ALA A 83 -46.34 -17.28 3.25
CA ALA A 83 -47.14 -16.23 2.61
C ALA A 83 -48.59 -16.66 2.53
N HIS A 84 -49.50 -15.77 2.92
CA HIS A 84 -50.92 -15.98 2.76
C HIS A 84 -51.58 -14.93 1.89
N SER A 85 -50.83 -13.91 1.47
CA SER A 85 -51.32 -12.78 0.69
C SER A 85 -50.12 -12.03 0.16
N ASP A 86 -50.36 -10.85 -0.44
CA ASP A 86 -49.29 -10.01 -0.95
C ASP A 86 -48.54 -9.27 0.15
N ASP A 87 -49.08 -9.21 1.36
CA ASP A 87 -48.34 -8.63 2.47
C ASP A 87 -47.03 -9.37 2.69
N TRP A 88 -46.03 -8.62 3.12
CA TRP A 88 -44.67 -9.08 3.42
C TRP A 88 -43.91 -9.49 2.18
N ARG A 89 -44.49 -9.38 0.99
CA ARG A 89 -43.72 -9.54 -0.24
C ARG A 89 -42.91 -8.28 -0.47
N LEU A 90 -41.62 -8.46 -0.77
CA LEU A 90 -40.70 -7.33 -0.76
C LEU A 90 -41.13 -6.23 -1.71
N ASP A 91 -41.51 -6.61 -2.94
CA ASP A 91 -41.87 -5.60 -3.93
C ASP A 91 -43.10 -4.83 -3.50
N ILE A 92 -44.09 -5.53 -2.93
CA ILE A 92 -45.31 -4.88 -2.45
C ILE A 92 -45.00 -3.94 -1.29
N MET A 93 -44.12 -4.35 -0.38
CA MET A 93 -43.81 -3.50 0.76
C MET A 93 -43.12 -2.21 0.33
N LEU A 94 -42.16 -2.31 -0.59
CA LEU A 94 -41.48 -1.11 -1.07
C LEU A 94 -42.42 -0.22 -1.86
N LYS A 95 -43.31 -0.81 -2.66
CA LYS A 95 -44.27 -0.01 -3.41
C LYS A 95 -45.21 0.75 -2.48
N ARG A 96 -45.64 0.11 -1.38
CA ARG A 96 -46.52 0.78 -0.43
C ARG A 96 -45.82 1.95 0.25
N LYS A 97 -44.55 1.75 0.64
CA LYS A 97 -43.79 2.85 1.26
C LYS A 97 -43.55 3.98 0.26
N ALA A 98 -43.20 3.63 -0.99
CA ALA A 98 -43.02 4.65 -2.02
C ALA A 98 -44.31 5.44 -2.23
N GLU A 99 -45.45 4.77 -2.18
CA GLU A 99 -46.73 5.48 -2.32
C GLU A 99 -46.99 6.43 -1.17
N GLU A 100 -46.34 6.25 -0.03
CA GLU A 100 -46.46 7.22 1.06
C GLU A 100 -45.40 8.31 1.01
N GLY A 101 -44.56 8.33 -0.02
CA GLY A 101 -43.56 9.38 -0.19
C GLY A 101 -42.14 9.00 0.18
N VAL A 102 -41.90 7.76 0.61
CA VAL A 102 -40.54 7.33 0.92
C VAL A 102 -39.76 7.14 -0.38
N ARG A 103 -38.53 7.65 -0.40
CA ARG A 103 -37.67 7.49 -1.56
C ARG A 103 -36.86 6.21 -1.39
N VAL A 104 -36.97 5.29 -2.35
CA VAL A 104 -36.23 4.04 -2.33
C VAL A 104 -35.16 4.12 -3.40
N SER A 105 -33.90 4.01 -2.98
CA SER A 105 -32.76 4.01 -3.87
C SER A 105 -32.06 2.65 -3.78
N ILE A 106 -31.88 2.00 -4.92
CA ILE A 106 -31.41 0.61 -4.97
C ILE A 106 -30.23 0.53 -5.92
N LEU A 107 -29.13 -0.07 -5.45
CA LEU A 107 -27.94 -0.33 -6.24
C LEU A 107 -27.81 -1.84 -6.45
N LEU A 108 -27.94 -2.29 -7.69
CA LEU A 108 -27.89 -3.71 -8.00
C LEU A 108 -26.64 -4.02 -8.81
N PHE A 109 -26.03 -5.16 -8.54
CA PHE A 109 -24.94 -5.65 -9.37
C PHE A 109 -25.49 -5.99 -10.74
N LYS A 110 -24.76 -5.57 -11.79
CA LYS A 110 -25.12 -5.88 -13.17
C LYS A 110 -24.22 -7.02 -13.61
N GLU A 111 -24.77 -8.23 -13.59
CA GLU A 111 -23.93 -9.37 -13.89
C GLU A 111 -23.73 -9.51 -15.40
N VAL A 112 -22.68 -10.25 -15.76
CA VAL A 112 -22.45 -10.61 -17.16
C VAL A 112 -23.39 -11.77 -17.49
N GLU A 113 -24.41 -11.49 -18.30
CA GLU A 113 -25.45 -12.47 -18.64
C GLU A 113 -24.88 -13.79 -19.13
N LEU A 116 -23.72 -15.18 -15.15
CA LEU A 116 -24.59 -15.47 -14.01
C LEU A 116 -26.05 -15.47 -14.44
N GLY A 117 -26.92 -16.02 -13.60
CA GLY A 117 -28.33 -16.10 -13.92
C GLY A 117 -29.24 -15.42 -12.92
N ILE A 118 -28.77 -14.35 -12.29
CA ILE A 118 -29.59 -13.62 -11.34
C ILE A 118 -30.54 -12.63 -12.02
N ASN A 119 -30.28 -12.31 -13.28
CA ASN A 119 -31.18 -11.49 -14.11
C ASN A 119 -31.50 -10.16 -13.44
N SER A 120 -30.45 -9.34 -13.30
CA SER A 120 -30.62 -8.01 -12.73
C SER A 120 -31.49 -7.13 -13.63
N GLY A 121 -31.56 -7.42 -14.92
CA GLY A 121 -32.45 -6.69 -15.81
C GLY A 121 -33.91 -6.84 -15.45
N TYR A 122 -34.33 -8.07 -15.15
CA TYR A 122 -35.71 -8.27 -14.71
C TYR A 122 -35.95 -7.60 -13.36
N SER A 123 -35.02 -7.77 -12.41
CA SER A 123 -35.15 -7.13 -11.11
C SER A 123 -35.28 -5.62 -11.24
N LYS A 124 -34.45 -5.01 -12.10
CA LYS A 124 -34.47 -3.55 -12.23
C LYS A 124 -35.81 -3.08 -12.79
N ARG A 125 -36.24 -3.64 -13.93
CA ARG A 125 -37.49 -3.23 -14.54
C ARG A 125 -38.67 -3.46 -13.60
N ALA A 126 -38.66 -4.57 -12.85
CA ALA A 126 -39.77 -4.84 -11.94
C ALA A 126 -39.82 -3.81 -10.81
N LEU A 127 -38.67 -3.47 -10.23
CA LEU A 127 -38.66 -2.53 -9.11
C LEU A 127 -39.07 -1.13 -9.54
N MET A 128 -38.62 -0.69 -10.71
CA MET A 128 -38.98 0.67 -11.12
C MET A 128 -40.39 0.76 -11.66
N LEU A 129 -41.00 -0.36 -12.02
CA LEU A 129 -42.40 -0.36 -12.41
C LEU A 129 -43.31 -0.12 -11.22
N LEU A 130 -42.82 -0.38 -10.00
CA LEU A 130 -43.66 -0.33 -8.81
C LEU A 130 -44.17 1.08 -8.55
N HIS A 131 -43.28 2.07 -8.53
CA HIS A 131 -43.66 3.44 -8.21
C HIS A 131 -42.54 4.35 -8.65
N PRO A 132 -42.85 5.59 -9.08
CA PRO A 132 -41.78 6.52 -9.48
C PRO A 132 -40.82 6.88 -8.36
N ASN A 133 -41.22 6.71 -7.09
CA ASN A 133 -40.32 7.01 -5.99
C ASN A 133 -39.25 5.95 -5.78
N ILE A 134 -39.26 4.87 -6.54
CA ILE A 134 -38.26 3.82 -6.46
C ILE A 134 -37.31 3.96 -7.64
N LYS A 135 -36.04 4.13 -7.36
CA LYS A 135 -35.02 4.34 -8.39
C LYS A 135 -33.95 3.28 -8.24
N VAL A 136 -33.59 2.65 -9.35
CA VAL A 136 -32.61 1.57 -9.37
C VAL A 136 -31.49 1.93 -10.35
N MET A 137 -30.26 1.74 -9.92
CA MET A 137 -29.11 1.79 -10.81
C MET A 137 -28.40 0.44 -10.75
N ARG A 138 -27.87 0.01 -11.88
CA ARG A 138 -27.08 -1.21 -11.96
C ARG A 138 -25.64 -0.84 -12.29
N HIS A 139 -24.69 -1.67 -11.82
CA HIS A 139 -23.28 -1.40 -12.03
C HIS A 139 -22.51 -2.70 -11.87
N PRO A 140 -21.44 -2.93 -12.66
CA PRO A 140 -20.93 -2.03 -13.68
C PRO A 140 -21.49 -2.30 -15.07
N ASP A 141 -21.25 -1.37 -15.98
CA ASP A 141 -21.57 -1.52 -17.40
C ASP A 141 -20.44 -2.18 -18.17
N GLN A 142 -19.20 -1.87 -17.81
CA GLN A 142 -18.02 -2.42 -18.48
C GLN A 142 -17.82 -3.89 -18.10
N VAL A 143 -17.20 -4.64 -19.01
CA VAL A 143 -16.87 -6.03 -18.72
C VAL A 143 -15.77 -6.08 -17.68
N THR A 144 -15.97 -6.89 -16.64
CA THR A 144 -15.01 -7.05 -15.56
C THR A 144 -15.28 -8.38 -14.88
N LEU A 145 -14.25 -8.88 -14.19
CA LEU A 145 -14.39 -10.08 -13.38
C LEU A 145 -15.06 -9.83 -12.04
N TRP A 146 -15.09 -8.59 -11.56
CA TRP A 146 -15.46 -8.34 -10.19
C TRP A 146 -16.90 -7.88 -10.09
N ALA A 147 -17.42 -7.93 -8.87
CA ALA A 147 -18.84 -7.71 -8.64
C ALA A 147 -19.02 -6.79 -7.45
N HIS A 148 -20.19 -6.15 -7.39
CA HIS A 148 -20.62 -5.49 -6.16
C HIS A 148 -21.28 -6.54 -5.30
N HIS A 149 -20.65 -6.85 -4.18
CA HIS A 149 -21.00 -7.98 -3.36
C HIS A 149 -21.73 -7.64 -2.07
N GLU A 150 -21.69 -6.38 -1.64
CA GLU A 150 -22.22 -6.03 -0.33
C GLU A 150 -23.74 -6.12 -0.32
N LYS A 151 -24.26 -6.52 0.81
CA LYS A 151 -25.69 -6.61 1.05
C LYS A 151 -26.01 -5.59 2.13
N LEU A 152 -26.84 -4.61 1.81
CA LEU A 152 -27.10 -3.54 2.76
C LEU A 152 -28.53 -3.10 2.61
N LEU A 153 -29.15 -2.77 3.73
CA LEU A 153 -30.44 -2.06 3.70
C LEU A 153 -30.41 -1.06 4.84
N VAL A 154 -30.61 0.22 4.52
CA VAL A 154 -30.61 1.29 5.51
C VAL A 154 -31.93 2.02 5.46
N VAL A 155 -32.54 2.23 6.63
CA VAL A 155 -33.79 2.97 6.74
C VAL A 155 -33.51 4.31 7.40
N ASP A 156 -33.89 5.40 6.72
CA ASP A 156 -33.83 6.77 7.24
C ASP A 156 -32.44 7.11 7.79
N GLN A 157 -31.41 6.47 7.24
CA GLN A 157 -30.01 6.66 7.64
C GLN A 157 -29.79 6.44 9.14
N VAL A 158 -30.65 5.65 9.79
CA VAL A 158 -30.50 5.47 11.24
C VAL A 158 -30.57 4.00 11.64
N VAL A 159 -31.04 3.13 10.74
CA VAL A 159 -31.12 1.70 11.01
C VAL A 159 -30.57 0.97 9.79
N ALA A 160 -29.58 0.11 10.01
CA ALA A 160 -28.87 -0.49 8.88
C ALA A 160 -28.67 -1.98 9.12
N PHE A 161 -29.06 -2.78 8.12
CA PHE A 161 -28.87 -4.22 8.12
C PHE A 161 -27.77 -4.60 7.14
N LEU A 162 -26.85 -5.46 7.57
CA LEU A 162 -25.87 -5.98 6.64
C LEU A 162 -25.52 -7.40 7.04
N GLY A 163 -24.67 -8.04 6.24
CA GLY A 163 -24.26 -9.39 6.51
C GLY A 163 -24.14 -10.19 5.23
N GLY A 164 -24.39 -11.49 5.31
CA GLY A 164 -24.26 -12.35 4.16
C GLY A 164 -25.53 -12.60 3.38
N LEU A 165 -26.67 -12.08 3.81
CA LEU A 165 -27.97 -12.42 3.24
C LEU A 165 -28.40 -11.39 2.20
N ASP A 166 -28.54 -11.83 0.95
CA ASP A 166 -29.25 -11.03 -0.03
C ASP A 166 -30.75 -11.24 0.13
N LEU A 167 -31.52 -10.23 -0.27
CA LEU A 167 -32.98 -10.35 -0.38
C LEU A 167 -33.32 -11.09 -1.68
N ALA A 168 -33.10 -12.40 -1.64
CA ALA A 168 -33.11 -13.22 -2.85
C ALA A 168 -33.67 -14.59 -2.51
N TYR A 169 -34.02 -15.34 -3.56
CA TYR A 169 -34.55 -16.69 -3.41
C TYR A 169 -33.51 -17.63 -2.79
N GLY A 170 -34.00 -18.59 -2.01
CA GLY A 170 -33.19 -19.59 -1.37
C GLY A 170 -32.52 -19.18 -0.07
N ARG A 171 -32.66 -17.92 0.35
CA ARG A 171 -31.90 -17.45 1.50
C ARG A 171 -32.62 -17.65 2.82
N TRP A 172 -33.94 -17.58 2.80
CA TRP A 172 -34.73 -17.71 4.00
C TRP A 172 -34.57 -19.10 4.60
N ASP A 173 -34.24 -19.15 5.88
CA ASP A 173 -34.23 -20.40 6.63
C ASP A 173 -34.31 -20.08 8.10
N ASP A 174 -34.44 -21.13 8.91
CA ASP A 174 -34.49 -20.99 10.36
C ASP A 174 -33.76 -22.19 10.94
N LEU A 175 -33.76 -22.28 12.27
CA LEU A 175 -33.04 -23.35 12.96
C LEU A 175 -33.50 -24.75 12.54
N HIS A 176 -34.71 -24.90 12.02
CA HIS A 176 -35.17 -26.24 11.64
C HIS A 176 -34.45 -26.77 10.40
N TYR A 177 -33.88 -25.88 9.57
CA TYR A 177 -33.17 -26.27 8.34
C TYR A 177 -33.93 -27.37 7.58
N ARG A 178 -35.21 -27.06 7.29
CA ARG A 178 -36.10 -28.06 6.71
C ARG A 178 -35.59 -28.51 5.33
N LEU A 179 -35.52 -29.82 5.14
CA LEU A 179 -35.17 -30.38 3.83
C LEU A 179 -36.36 -30.48 2.91
N THR A 180 -37.58 -30.49 3.44
CA THR A 180 -38.80 -30.63 2.65
C THR A 180 -39.76 -29.48 2.94
N ASP A 181 -40.75 -29.33 2.07
CA ASP A 181 -41.72 -28.24 2.12
C ASP A 181 -42.96 -28.74 1.39
N LEU A 182 -43.68 -29.66 2.04
CA LEU A 182 -44.86 -30.30 1.47
C LEU A 182 -46.16 -29.79 2.08
N GLY A 183 -46.10 -28.99 3.13
CA GLY A 183 -47.30 -28.48 3.77
C GLY A 183 -47.95 -29.50 4.69
N ASP A 205 -53.77 -17.10 -5.84
CA ASP A 205 -54.30 -16.85 -4.50
C ASP A 205 -53.59 -17.73 -3.46
N LEU A 206 -53.05 -17.09 -2.43
CA LEU A 206 -52.23 -17.76 -1.43
C LEU A 206 -52.97 -17.95 -0.11
N SER A 207 -54.29 -17.77 -0.11
CA SER A 207 -55.03 -17.78 1.15
C SER A 207 -54.87 -19.11 1.88
N HIS A 208 -54.72 -20.20 1.14
CA HIS A 208 -54.55 -21.52 1.76
C HIS A 208 -53.13 -22.06 1.61
N ASN A 209 -52.14 -21.17 1.41
CA ASN A 209 -50.78 -21.62 1.22
C ASN A 209 -50.18 -22.09 2.55
N GLN A 210 -49.51 -23.24 2.48
CA GLN A 210 -48.76 -23.77 3.61
C GLN A 210 -47.27 -23.96 3.30
N PHE A 211 -46.84 -23.69 2.07
CA PHE A 211 -45.43 -23.83 1.71
C PHE A 211 -44.60 -22.67 2.28
N PHE A 212 -43.43 -22.99 2.81
CA PHE A 212 -42.53 -21.94 3.27
C PHE A 212 -41.73 -21.34 2.13
N TRP A 213 -41.47 -22.11 1.07
CA TRP A 213 -40.68 -21.66 -0.07
C TRP A 213 -41.54 -21.83 -1.33
N LEU A 214 -42.15 -20.73 -1.77
CA LEU A 214 -42.99 -20.74 -2.96
C LEU A 214 -42.14 -20.66 -4.22
N GLY A 215 -42.50 -21.45 -5.23
CA GLY A 215 -41.90 -21.33 -6.55
C GLY A 215 -40.39 -21.37 -6.54
N LYS A 216 -39.78 -20.36 -7.16
CA LYS A 216 -38.34 -20.30 -7.31
C LYS A 216 -37.60 -20.22 -5.97
N ASP A 217 -38.32 -19.99 -4.86
CA ASP A 217 -37.65 -19.93 -3.56
C ASP A 217 -37.24 -21.32 -3.08
N TYR A 218 -37.95 -22.35 -3.52
CA TYR A 218 -37.60 -23.73 -3.17
C TYR A 218 -36.51 -24.19 -4.13
N SER A 219 -35.31 -24.40 -3.61
CA SER A 219 -34.20 -24.65 -4.51
C SER A 219 -33.10 -25.41 -3.80
N ASN A 220 -32.29 -26.06 -4.62
CA ASN A 220 -31.07 -26.73 -4.16
C ASN A 220 -29.96 -26.23 -5.07
N LEU A 221 -29.22 -25.23 -4.56
CA LEU A 221 -28.24 -24.50 -5.36
C LEU A 221 -27.23 -25.43 -6.01
N ILE A 222 -26.86 -26.51 -5.33
CA ILE A 222 -25.93 -27.47 -5.91
C ILE A 222 -26.61 -28.27 -7.02
N THR A 223 -27.92 -28.54 -6.90
CA THR A 223 -28.60 -29.37 -7.89
C THR A 223 -28.77 -28.61 -9.20
N LYS A 224 -29.34 -27.40 -9.15
CA LYS A 224 -29.61 -26.67 -10.38
C LYS A 224 -29.66 -25.18 -10.06
N ASP A 225 -29.00 -24.39 -10.91
CA ASP A 225 -29.06 -22.93 -10.79
C ASP A 225 -30.43 -22.41 -11.22
N TRP A 226 -30.77 -21.22 -10.75
CA TRP A 226 -32.08 -20.64 -10.98
C TRP A 226 -32.32 -20.39 -12.47
N VAL A 227 -33.55 -20.67 -12.92
CA VAL A 227 -33.99 -20.40 -14.27
C VAL A 227 -35.35 -19.70 -14.20
N GLN A 228 -35.69 -19.00 -15.27
CA GLN A 228 -37.03 -18.42 -15.46
C GLN A 228 -37.46 -17.60 -14.24
N LEU A 229 -36.67 -16.56 -13.94
CA LEU A 229 -36.96 -15.73 -12.77
C LEU A 229 -38.15 -14.79 -13.00
N ASP A 230 -38.56 -14.58 -14.25
CA ASP A 230 -39.78 -13.83 -14.52
C ASP A 230 -41.04 -14.65 -14.27
N ARG A 231 -40.91 -15.94 -13.94
CA ARG A 231 -42.00 -16.74 -13.42
C ARG A 231 -41.70 -17.08 -11.97
N PRO A 232 -41.92 -16.15 -11.04
CA PRO A 232 -41.43 -16.35 -9.66
C PRO A 232 -42.16 -17.43 -8.88
N PHE A 233 -43.43 -17.69 -9.18
CA PHE A 233 -44.24 -18.64 -8.41
C PHE A 233 -44.31 -20.01 -9.07
N GLU A 234 -43.43 -20.28 -10.02
CA GLU A 234 -43.35 -21.57 -10.69
C GLU A 234 -42.18 -22.35 -10.12
N ASP A 235 -42.41 -23.61 -9.80
CA ASP A 235 -41.32 -24.48 -9.35
C ASP A 235 -40.38 -24.78 -10.50
N PHE A 236 -39.08 -24.90 -10.19
CA PHE A 236 -38.11 -25.37 -11.16
C PHE A 236 -37.36 -26.61 -10.71
N ILE A 237 -37.66 -27.15 -9.51
CA ILE A 237 -37.24 -28.48 -9.13
C ILE A 237 -38.43 -29.21 -8.53
N ASP A 238 -38.35 -30.54 -8.54
CA ASP A 238 -39.46 -31.39 -8.10
C ASP A 238 -39.52 -31.44 -6.58
N ARG A 239 -40.58 -30.85 -6.02
CA ARG A 239 -40.74 -30.73 -4.58
C ARG A 239 -40.90 -32.08 -3.89
N GLU A 240 -41.45 -33.07 -4.58
CA GLU A 240 -41.75 -34.36 -3.97
C GLU A 240 -40.59 -35.34 -4.04
N THR A 241 -39.59 -35.08 -4.87
CA THR A 241 -38.44 -35.98 -5.01
C THR A 241 -37.10 -35.34 -4.69
N THR A 242 -36.98 -34.01 -4.75
CA THR A 242 -35.71 -33.34 -4.56
C THR A 242 -35.75 -32.47 -3.30
N PRO A 243 -34.93 -32.76 -2.31
CA PRO A 243 -34.91 -31.95 -1.09
C PRO A 243 -34.33 -30.56 -1.31
N ARG A 244 -34.77 -29.64 -0.46
CA ARG A 244 -34.20 -28.31 -0.33
C ARG A 244 -32.72 -28.38 0.08
N MET A 245 -31.97 -27.34 -0.29
CA MET A 245 -30.67 -27.13 0.35
C MET A 245 -30.82 -26.08 1.44
N PRO A 246 -30.64 -26.43 2.72
CA PRO A 246 -30.78 -25.42 3.77
C PRO A 246 -29.67 -24.38 3.68
N TRP A 247 -30.01 -23.15 4.07
CA TRP A 247 -29.16 -21.98 3.91
C TRP A 247 -28.87 -21.40 5.30
N ARG A 248 -27.60 -21.36 5.67
CA ARG A 248 -27.19 -20.78 6.94
C ARG A 248 -26.44 -19.50 6.67
N ASP A 249 -26.76 -18.46 7.42
CA ASP A 249 -26.15 -17.16 7.19
C ASP A 249 -26.20 -16.36 8.47
N VAL A 250 -25.43 -15.27 8.51
CA VAL A 250 -25.39 -14.38 9.65
C VAL A 250 -25.57 -12.96 9.14
N GLY A 251 -26.43 -12.20 9.82
CA GLY A 251 -26.61 -10.79 9.53
C GLY A 251 -26.52 -9.99 10.81
N VAL A 252 -26.71 -8.68 10.66
CA VAL A 252 -26.67 -7.80 11.82
C VAL A 252 -27.43 -6.54 11.49
N VAL A 253 -28.05 -5.95 12.51
CA VAL A 253 -28.61 -4.62 12.44
C VAL A 253 -27.87 -3.74 13.43
N VAL A 254 -27.53 -2.53 13.01
CA VAL A 254 -26.93 -1.52 13.87
C VAL A 254 -27.80 -0.28 13.81
N HIS A 255 -27.78 0.51 14.90
CA HIS A 255 -28.53 1.75 14.99
C HIS A 255 -27.56 2.92 15.20
N GLY A 256 -28.05 4.13 14.94
CA GLY A 256 -27.29 5.32 15.27
C GLY A 256 -26.13 5.63 14.35
N LEU A 257 -25.01 6.05 14.91
CA LEU A 257 -23.90 6.54 14.07
C LEU A 257 -23.38 5.53 13.07
N PRO A 258 -23.18 4.25 13.40
CA PRO A 258 -22.73 3.31 12.35
C PRO A 258 -23.74 3.14 11.22
N ALA A 259 -25.04 3.32 11.50
CA ALA A 259 -26.01 3.31 10.41
C ALA A 259 -25.82 4.54 9.51
N ARG A 260 -25.52 5.69 10.12
CA ARG A 260 -25.12 6.86 9.34
C ARG A 260 -23.90 6.55 8.48
N ASP A 261 -22.89 5.88 9.07
CA ASP A 261 -21.68 5.53 8.31
C ASP A 261 -22.01 4.63 7.12
N LEU A 262 -22.87 3.63 7.34
CA LEU A 262 -23.27 2.75 6.25
C LEU A 262 -24.07 3.52 5.20
N ALA A 263 -24.92 4.45 5.64
CA ALA A 263 -25.61 5.27 4.67
C ALA A 263 -24.62 6.10 3.86
N ARG A 264 -23.54 6.56 4.50
CA ARG A 264 -22.56 7.36 3.76
C ARG A 264 -21.84 6.53 2.71
N HIS A 265 -21.59 5.25 2.98
CA HIS A 265 -21.03 4.38 1.94
C HIS A 265 -21.99 4.24 0.76
N PHE A 266 -23.26 3.97 1.05
CA PHE A 266 -24.25 3.86 -0.03
C PHE A 266 -24.30 5.15 -0.85
N ILE A 267 -24.35 6.30 -0.16
CA ILE A 267 -24.44 7.59 -0.84
C ILE A 267 -23.22 7.83 -1.71
N GLN A 268 -22.04 7.48 -1.21
CA GLN A 268 -20.83 7.64 -2.02
C GLN A 268 -20.91 6.79 -3.28
N ARG A 269 -21.30 5.52 -3.13
CA ARG A 269 -21.47 4.64 -4.29
C ARG A 269 -22.56 5.15 -5.23
N TRP A 270 -23.68 5.63 -4.68
CA TRP A 270 -24.79 6.13 -5.48
C TRP A 270 -24.36 7.33 -6.32
N ASN A 271 -23.77 8.34 -5.69
CA ASN A 271 -23.40 9.54 -6.43
C ASN A 271 -22.27 9.26 -7.42
N PHE A 272 -21.36 8.35 -7.07
CA PHE A 272 -20.33 7.92 -8.02
C PHE A 272 -20.95 7.22 -9.22
N THR A 273 -21.91 6.32 -8.97
CA THR A 273 -22.56 5.58 -10.05
C THR A 273 -23.29 6.50 -11.00
N LYS A 274 -23.85 7.59 -10.47
CA LYS A 274 -24.53 8.56 -11.33
C LYS A 274 -23.62 9.05 -12.44
N THR A 275 -22.35 9.26 -12.15
CA THR A 275 -21.40 9.76 -13.14
C THR A 275 -20.93 8.69 -14.12
N THR A 276 -21.40 7.44 -14.01
CA THR A 276 -20.82 6.38 -14.83
C THR A 276 -21.49 6.22 -16.19
N LYS A 277 -22.67 6.81 -16.41
CA LYS A 277 -23.26 6.78 -17.74
C LYS A 277 -24.33 7.85 -17.86
N ALA A 278 -24.60 8.25 -19.11
CA ALA A 278 -25.41 9.43 -19.38
C ALA A 278 -26.80 9.34 -18.74
N LYS A 279 -27.47 8.20 -18.90
CA LYS A 279 -28.81 8.03 -18.34
C LYS A 279 -28.82 8.34 -16.85
N TYR A 280 -27.77 7.97 -16.13
CA TYR A 280 -27.75 8.15 -14.68
C TYR A 280 -27.36 9.56 -14.24
N LYS A 281 -26.76 10.36 -15.12
CA LYS A 281 -26.37 11.72 -14.74
C LYS A 281 -27.56 12.65 -14.63
N THR A 282 -28.72 12.27 -15.18
CA THR A 282 -29.86 13.18 -15.22
C THR A 282 -30.50 13.29 -13.83
N PRO A 283 -31.26 14.36 -13.58
CA PRO A 283 -31.85 14.55 -12.25
C PRO A 283 -32.89 13.51 -11.85
N THR A 284 -33.36 12.66 -12.79
CA THR A 284 -34.30 11.61 -12.41
C THR A 284 -33.65 10.58 -11.48
N TYR A 285 -32.32 10.52 -11.43
CA TYR A 285 -31.61 9.79 -10.38
C TYR A 285 -31.02 10.83 -9.44
N PRO A 286 -31.72 11.19 -8.36
CA PRO A 286 -31.27 12.30 -7.52
C PRO A 286 -29.95 12.00 -6.86
N TYR A 287 -29.14 13.05 -6.67
CA TYR A 287 -28.02 12.95 -5.75
C TYR A 287 -28.54 12.62 -4.36
N LEU A 288 -27.83 11.77 -3.65
CA LEU A 288 -28.16 11.50 -2.25
C LEU A 288 -27.21 12.25 -1.34
N LEU A 289 -27.69 12.58 -0.15
CA LEU A 289 -26.96 13.41 0.80
C LEU A 289 -27.05 12.82 2.20
N PRO A 290 -25.95 12.81 2.95
CA PRO A 290 -25.95 12.19 4.27
C PRO A 290 -26.57 13.09 5.33
N LYS A 291 -27.33 12.46 6.21
CA LYS A 291 -27.75 13.12 7.44
C LYS A 291 -26.51 13.41 8.29
N SER A 292 -26.51 14.58 8.93
CA SER A 292 -25.34 15.05 9.67
C SER A 292 -25.56 15.13 11.17
N THR A 293 -26.78 15.41 11.62
CA THR A 293 -27.05 15.70 13.02
C THR A 293 -28.02 14.69 13.61
N SER A 294 -27.88 14.49 14.93
CA SER A 294 -28.83 13.72 15.75
C SER A 294 -28.92 12.27 15.26
N THR A 295 -27.85 11.54 15.52
CA THR A 295 -27.80 10.11 15.21
C THR A 295 -27.87 9.28 16.47
N LEU A 303 -36.97 -0.37 15.94
CA LEU A 303 -35.89 -0.83 16.82
C LEU A 303 -36.18 -2.20 17.39
N PRO A 304 -35.31 -3.18 17.09
CA PRO A 304 -35.41 -4.49 17.76
C PRO A 304 -34.74 -4.48 19.13
N GLY A 305 -34.47 -5.66 19.69
CA GLY A 305 -33.78 -5.75 20.96
C GLY A 305 -32.29 -6.02 20.85
N GLY A 306 -31.48 -4.96 20.85
CA GLY A 306 -30.06 -5.07 20.61
C GLY A 306 -29.20 -4.91 21.87
N GLN A 307 -27.89 -4.99 21.65
CA GLN A 307 -26.90 -4.89 22.71
C GLN A 307 -26.01 -3.68 22.49
N CYS A 308 -25.69 -2.97 23.57
CA CYS A 308 -24.78 -1.84 23.50
C CYS A 308 -23.36 -2.31 23.27
N THR A 309 -22.71 -1.79 22.21
CA THR A 309 -21.40 -2.22 21.77
C THR A 309 -20.67 -1.04 21.13
N THR A 310 -19.38 -1.24 20.82
CA THR A 310 -18.64 -0.35 19.95
C THR A 310 -18.55 -0.97 18.56
N VAL A 311 -19.01 -0.24 17.55
CA VAL A 311 -19.15 -0.74 16.19
C VAL A 311 -18.31 0.13 15.26
N GLN A 312 -17.51 -0.49 14.41
CA GLN A 312 -16.81 0.24 13.37
C GLN A 312 -17.14 -0.38 12.02
N VAL A 313 -17.55 0.47 11.09
CA VAL A 313 -17.86 0.00 9.74
C VAL A 313 -16.55 -0.18 8.98
N LEU A 314 -16.52 -1.17 8.08
CA LEU A 314 -15.35 -1.45 7.27
C LEU A 314 -15.79 -1.84 5.87
N ARG A 315 -14.87 -1.70 4.91
CA ARG A 315 -15.27 -1.98 3.53
C ARG A 315 -14.07 -2.32 2.66
N SER A 316 -14.37 -2.94 1.53
CA SER A 316 -13.46 -3.13 0.42
C SER A 316 -14.05 -2.37 -0.76
N VAL A 317 -13.32 -1.38 -1.28
CA VAL A 317 -13.74 -0.64 -2.48
C VAL A 317 -12.50 -0.27 -3.28
N ASP A 318 -12.72 0.01 -4.56
CA ASP A 318 -11.67 0.37 -5.52
C ASP A 318 -12.17 1.54 -6.36
N ARG A 319 -11.28 2.08 -7.21
CA ARG A 319 -11.72 3.09 -8.19
C ARG A 319 -12.93 2.60 -8.98
N TRP A 320 -12.87 1.38 -9.50
CA TRP A 320 -13.95 0.94 -10.39
C TRP A 320 -15.29 0.90 -9.65
N SER A 321 -15.29 0.59 -8.36
CA SER A 321 -16.55 0.34 -7.68
C SER A 321 -17.04 1.54 -6.89
N ALA A 322 -16.17 2.48 -6.57
CA ALA A 322 -16.56 3.66 -5.78
C ALA A 322 -15.56 4.76 -6.09
N GLY A 323 -15.58 5.81 -5.30
CA GLY A 323 -14.63 6.82 -5.73
C GLY A 323 -13.19 6.61 -5.33
N THR A 324 -12.86 5.55 -4.60
CA THR A 324 -11.71 5.54 -3.71
C THR A 324 -11.30 4.11 -3.40
N LEU A 325 -10.11 3.97 -2.80
CA LEU A 325 -9.56 2.66 -2.45
C LEU A 325 -9.67 2.44 -0.97
N GLU A 326 -10.08 1.24 -0.58
CA GLU A 326 -10.07 0.89 0.83
C GLU A 326 -10.03 -0.62 0.95
N ASN A 327 -9.29 -1.11 1.95
CA ASN A 327 -9.33 -2.54 2.27
C ASN A 327 -9.29 -2.72 3.79
N SER A 328 -10.21 -2.05 4.49
CA SER A 328 -10.21 -2.09 5.94
C SER A 328 -10.84 -3.37 6.51
N ILE A 329 -11.61 -4.12 5.72
CA ILE A 329 -12.06 -5.43 6.20
C ILE A 329 -10.86 -6.33 6.42
N LEU A 330 -9.98 -6.40 5.42
CA LEU A 330 -8.76 -7.18 5.53
C LEU A 330 -7.93 -6.75 6.73
N ASN A 331 -7.70 -5.43 6.88
CA ASN A 331 -6.88 -4.95 7.98
C ASN A 331 -7.48 -5.34 9.33
N ALA A 332 -8.81 -5.26 9.44
CA ALA A 332 -9.45 -5.65 10.69
C ALA A 332 -9.36 -7.16 10.92
N TYR A 333 -9.49 -7.96 9.86
CA TYR A 333 -9.31 -9.40 10.02
C TYR A 333 -7.92 -9.71 10.55
N LEU A 334 -6.89 -9.13 9.91
CA LEU A 334 -5.52 -9.44 10.31
C LEU A 334 -5.26 -9.04 11.75
N HIS A 335 -5.69 -7.83 12.12
CA HIS A 335 -5.40 -7.32 13.46
C HIS A 335 -6.14 -8.11 14.52
N THR A 336 -7.37 -8.53 14.23
CA THR A 336 -8.15 -9.29 15.22
C THR A 336 -7.53 -10.66 15.46
N ILE A 337 -7.07 -11.32 14.41
CA ILE A 337 -6.35 -12.57 14.57
C ILE A 337 -5.07 -12.35 15.35
N ARG A 338 -4.28 -11.33 14.95
CA ARG A 338 -2.99 -11.07 15.58
C ARG A 338 -3.12 -10.86 17.08
N GLU A 339 -4.18 -10.17 17.51
CA GLU A 339 -4.32 -9.82 18.91
C GLU A 339 -5.17 -10.79 19.69
N SER A 340 -5.67 -11.84 19.06
CA SER A 340 -6.50 -12.81 19.77
C SER A 340 -5.63 -13.59 20.76
N GLN A 341 -6.24 -13.99 21.88
CA GLN A 341 -5.53 -14.63 22.97
C GLN A 341 -6.04 -16.02 23.32
N HIS A 342 -7.21 -16.43 22.86
CA HIS A 342 -7.79 -17.67 23.36
C HIS A 342 -8.40 -18.52 22.26
N PHE A 343 -9.15 -17.90 21.34
CA PHE A 343 -9.76 -18.69 20.28
C PHE A 343 -10.28 -17.81 19.15
N LEU A 344 -10.42 -18.44 17.99
CA LEU A 344 -11.13 -17.88 16.84
C LEU A 344 -12.23 -18.84 16.43
N TYR A 345 -13.38 -18.29 16.07
CA TYR A 345 -14.47 -19.06 15.49
C TYR A 345 -14.71 -18.43 14.12
N ILE A 346 -14.47 -19.20 13.06
CA ILE A 346 -14.63 -18.72 11.68
C ILE A 346 -15.71 -19.56 11.01
N GLU A 347 -16.74 -18.89 10.53
CA GLU A 347 -17.83 -19.50 9.76
C GLU A 347 -17.83 -18.69 8.47
N ASN A 348 -17.41 -19.30 7.36
CA ASN A 348 -17.28 -18.56 6.12
C ASN A 348 -17.55 -19.45 4.91
N GLN A 349 -18.09 -18.84 3.86
CA GLN A 349 -18.39 -19.57 2.64
C GLN A 349 -17.11 -20.05 1.95
N PHE A 350 -16.03 -19.28 2.06
CA PHE A 350 -14.79 -19.62 1.40
C PHE A 350 -13.65 -19.51 2.39
N PHE A 351 -12.54 -20.16 2.06
CA PHE A 351 -11.38 -20.14 2.92
C PHE A 351 -10.18 -20.29 1.98
N ILE A 352 -9.87 -19.21 1.27
CA ILE A 352 -8.80 -19.20 0.28
C ILE A 352 -7.80 -18.13 0.69
N SER A 353 -6.60 -18.55 1.08
CA SER A 353 -5.61 -17.67 1.68
C SER A 353 -4.27 -18.40 1.66
N CYS A 354 -3.31 -17.92 2.47
CA CYS A 354 -1.93 -18.40 2.52
C CYS A 354 -1.17 -17.95 1.28
N SER A 355 -0.61 -16.74 1.36
CA SER A 355 -0.05 -16.06 0.22
C SER A 355 1.20 -16.76 -0.32
N ASP A 356 1.32 -16.78 -1.64
CA ASP A 356 2.57 -17.14 -2.30
C ASP A 356 3.14 -15.97 -3.10
N GLY A 357 2.58 -14.78 -2.95
CA GLY A 357 3.00 -13.61 -3.70
C GLY A 357 2.52 -13.55 -5.14
N ARG A 358 1.91 -14.61 -5.66
CA ARG A 358 1.54 -14.64 -7.07
C ARG A 358 0.06 -14.98 -7.27
N THR A 359 -0.34 -16.21 -6.95
CA THR A 359 -1.70 -16.66 -7.21
C THR A 359 -2.66 -16.25 -6.09
N VAL A 360 -2.26 -16.43 -4.83
CA VAL A 360 -3.08 -16.04 -3.69
C VAL A 360 -2.28 -15.04 -2.87
N LEU A 361 -2.92 -13.93 -2.49
CA LEU A 361 -2.20 -12.81 -1.92
C LEU A 361 -2.60 -12.44 -0.50
N ASN A 362 -3.86 -12.58 -0.11
CA ASN A 362 -4.23 -12.17 1.24
C ASN A 362 -3.56 -13.08 2.26
N LYS A 363 -3.35 -12.53 3.46
CA LYS A 363 -2.50 -13.15 4.47
C LYS A 363 -3.29 -13.62 5.69
N VAL A 364 -4.59 -13.81 5.54
CA VAL A 364 -5.40 -14.23 6.69
C VAL A 364 -4.95 -15.59 7.19
N GLY A 365 -4.78 -16.55 6.27
CA GLY A 365 -4.27 -17.85 6.68
C GLY A 365 -2.91 -17.75 7.34
N ASP A 366 -2.02 -16.91 6.79
CA ASP A 366 -0.68 -16.73 7.36
C ASP A 366 -0.75 -16.18 8.78
N GLU A 367 -1.71 -15.29 9.05
CA GLU A 367 -1.84 -14.78 10.42
C GLU A 367 -2.34 -15.87 11.35
N ILE A 368 -3.27 -16.70 10.89
CA ILE A 368 -3.75 -17.81 11.70
C ILE A 368 -2.59 -18.75 12.02
N VAL A 369 -1.79 -19.11 11.00
CA VAL A 369 -0.64 -19.99 11.23
C VAL A 369 0.30 -19.37 12.26
N ASP A 370 0.65 -18.09 12.09
CA ASP A 370 1.59 -17.45 13.01
C ASP A 370 1.03 -17.44 14.43
N ARG A 371 -0.29 -17.20 14.57
CA ARG A 371 -0.91 -17.17 15.89
C ARG A 371 -0.84 -18.52 16.57
N ILE A 372 -1.15 -19.59 15.84
CA ILE A 372 -1.08 -20.95 16.39
C ILE A 372 0.36 -21.29 16.76
N LEU A 373 1.31 -20.95 15.90
CA LEU A 373 2.71 -21.25 16.19
C LEU A 373 3.18 -20.52 17.44
N LYS A 374 2.67 -19.30 17.68
CA LYS A 374 3.07 -18.60 18.89
C LYS A 374 2.46 -19.25 20.13
N ALA A 375 1.16 -19.59 20.05
CA ALA A 375 0.50 -20.27 21.17
C ALA A 375 1.21 -21.57 21.51
N HIS A 376 1.63 -22.31 20.48
CA HIS A 376 2.33 -23.56 20.74
C HIS A 376 3.69 -23.29 21.39
N LYS A 377 4.37 -22.22 20.96
CA LYS A 377 5.69 -21.92 21.52
C LYS A 377 5.59 -21.45 22.98
N GLN A 378 4.55 -20.69 23.31
CA GLN A 378 4.39 -20.19 24.67
C GLN A 378 3.61 -21.15 25.57
N GLY A 379 3.07 -22.23 25.04
CA GLY A 379 2.32 -23.17 25.86
C GLY A 379 0.89 -22.73 26.16
N TRP A 380 0.30 -21.92 25.29
CA TRP A 380 -1.06 -21.42 25.49
C TRP A 380 -2.11 -22.42 25.06
N CYS A 381 -3.25 -22.39 25.75
CA CYS A 381 -4.45 -23.04 25.23
C CYS A 381 -5.08 -22.10 24.21
N TYR A 382 -5.12 -22.54 22.95
CA TYR A 382 -5.58 -21.72 21.85
C TYR A 382 -6.28 -22.61 20.83
N ARG A 383 -7.48 -22.23 20.39
CA ARG A 383 -8.26 -23.03 19.47
C ARG A 383 -8.76 -22.19 18.30
N VAL A 384 -8.73 -22.78 17.11
CA VAL A 384 -9.30 -22.17 15.93
C VAL A 384 -10.37 -23.11 15.40
N TYR A 385 -11.60 -22.64 15.38
CA TYR A 385 -12.72 -23.39 14.83
C TYR A 385 -13.05 -22.81 13.46
N VAL A 386 -13.06 -23.67 12.44
CA VAL A 386 -13.36 -23.24 11.07
C VAL A 386 -14.55 -24.02 10.58
N LEU A 387 -15.60 -23.30 10.19
CA LEU A 387 -16.83 -23.90 9.69
C LEU A 387 -17.01 -23.50 8.23
N LEU A 388 -17.00 -24.47 7.32
CA LEU A 388 -17.07 -24.21 5.90
C LEU A 388 -18.18 -25.04 5.25
N PRO A 389 -18.75 -24.58 4.14
CA PRO A 389 -19.68 -25.44 3.40
C PRO A 389 -18.95 -26.67 2.88
N LEU A 390 -19.59 -27.83 2.98
CA LEU A 390 -18.94 -29.07 2.60
C LEU A 390 -18.64 -29.11 1.10
N LEU A 391 -19.39 -28.35 0.31
CA LEU A 391 -19.20 -28.25 -1.14
C LEU A 391 -19.46 -26.81 -1.53
N PRO A 392 -18.74 -26.29 -2.52
CA PRO A 392 -18.98 -24.90 -2.94
C PRO A 392 -20.33 -24.74 -3.63
N GLY A 393 -20.86 -23.51 -3.55
CA GLY A 393 -22.20 -23.23 -4.05
C GLY A 393 -22.35 -22.96 -5.54
N PHE A 394 -22.03 -23.96 -6.36
CA PHE A 394 -22.26 -23.91 -7.80
C PHE A 394 -22.92 -25.21 -8.23
N GLU A 395 -23.63 -25.15 -9.36
CA GLU A 395 -24.34 -26.32 -9.88
C GLU A 395 -23.33 -27.32 -10.44
N GLY A 396 -23.21 -28.46 -9.79
CA GLY A 396 -22.29 -29.48 -10.23
C GLY A 396 -22.61 -30.83 -9.64
N ASP A 397 -22.67 -31.85 -10.49
CA ASP A 397 -22.95 -33.21 -10.03
C ASP A 397 -21.72 -33.76 -9.33
N ILE A 398 -21.72 -33.71 -8.00
CA ILE A 398 -20.58 -34.18 -7.23
C ILE A 398 -20.36 -35.68 -7.40
N SER A 399 -21.38 -36.43 -7.81
CA SER A 399 -21.19 -37.86 -8.07
C SER A 399 -20.36 -38.09 -9.34
N THR A 400 -20.34 -37.14 -10.26
CA THR A 400 -19.45 -37.17 -11.41
C THR A 400 -18.07 -36.59 -11.11
N GLY A 401 -17.92 -35.87 -10.00
CA GLY A 401 -16.69 -35.19 -9.66
C GLY A 401 -16.83 -33.70 -9.45
N GLY A 402 -18.01 -33.13 -9.65
CA GLY A 402 -18.21 -31.70 -9.64
C GLY A 402 -17.80 -31.06 -10.96
N GLY A 403 -18.46 -29.95 -11.26
CA GLY A 403 -18.03 -29.13 -12.37
C GLY A 403 -16.58 -28.63 -12.22
N ASN A 404 -16.10 -27.94 -13.26
CA ASN A 404 -14.75 -27.39 -13.23
C ASN A 404 -14.67 -26.20 -12.28
N SER A 405 -15.77 -25.45 -12.15
CA SER A 405 -15.84 -24.39 -11.14
C SER A 405 -15.73 -24.96 -9.74
N ILE A 406 -16.50 -26.00 -9.42
CA ILE A 406 -16.40 -26.63 -8.11
C ILE A 406 -14.98 -27.15 -7.87
N GLN A 407 -14.39 -27.76 -8.90
CA GLN A 407 -13.07 -28.35 -8.72
C GLN A 407 -12.01 -27.27 -8.54
N ALA A 408 -12.14 -26.16 -9.28
CA ALA A 408 -11.23 -25.03 -9.08
C ALA A 408 -11.32 -24.48 -7.67
N ILE A 409 -12.54 -24.30 -7.14
CA ILE A 409 -12.68 -23.85 -5.77
C ILE A 409 -12.10 -24.87 -4.79
N LEU A 410 -12.37 -26.16 -5.02
CA LEU A 410 -11.80 -27.19 -4.15
C LEU A 410 -10.29 -27.14 -4.16
N HIS A 411 -9.68 -26.92 -5.34
CA HIS A 411 -8.23 -26.81 -5.41
C HIS A 411 -7.73 -25.74 -4.44
N PHE A 412 -8.29 -24.52 -4.53
CA PHE A 412 -7.78 -23.43 -3.71
C PHE A 412 -8.18 -23.58 -2.25
N THR A 413 -9.31 -24.21 -1.97
CA THR A 413 -9.67 -24.48 -0.57
C THR A 413 -8.70 -25.46 0.06
N TYR A 414 -8.41 -26.56 -0.63
CA TYR A 414 -7.51 -27.55 -0.07
C TYR A 414 -6.07 -27.04 -0.05
N ARG A 415 -5.71 -26.20 -1.01
CA ARG A 415 -4.39 -25.57 -0.97
C ARG A 415 -4.22 -24.73 0.29
N THR A 416 -5.30 -24.08 0.74
CA THR A 416 -5.22 -23.34 2.01
C THR A 416 -5.14 -24.29 3.20
N LEU A 417 -5.96 -25.34 3.18
CA LEU A 417 -6.13 -26.16 4.38
C LEU A 417 -4.96 -27.10 4.61
N CYS A 418 -4.59 -27.90 3.58
CA CYS A 418 -3.74 -29.05 3.88
C CYS A 418 -2.88 -29.55 2.71
N ARG A 419 -2.85 -28.89 1.56
CA ARG A 419 -2.17 -29.47 0.41
C ARG A 419 -1.15 -28.49 -0.15
N GLY A 420 0.11 -28.85 -0.08
CA GLY A 420 1.20 -28.04 -0.60
C GLY A 420 1.93 -27.29 0.49
N GLU A 421 3.04 -26.67 0.06
CA GLU A 421 3.97 -26.03 0.99
C GLU A 421 3.35 -24.86 1.75
N TYR A 422 2.31 -24.23 1.21
CA TYR A 422 1.76 -23.04 1.83
C TYR A 422 0.59 -23.33 2.76
N SER A 423 0.11 -24.56 2.79
CA SER A 423 -1.12 -24.84 3.50
C SER A 423 -0.90 -24.71 5.00
N ILE A 424 -1.99 -24.39 5.69
CA ILE A 424 -1.98 -24.26 7.14
C ILE A 424 -1.46 -25.52 7.79
N LEU A 425 -2.05 -26.66 7.44
CA LEU A 425 -1.69 -27.91 8.10
C LEU A 425 -0.25 -28.31 7.82
N HIS A 426 0.26 -28.03 6.61
CA HIS A 426 1.64 -28.39 6.33
C HIS A 426 2.60 -27.55 7.17
N ARG A 427 2.32 -26.26 7.32
CA ARG A 427 3.21 -25.44 8.12
C ARG A 427 3.10 -25.74 9.61
N LEU A 428 1.90 -26.08 10.08
CA LEU A 428 1.76 -26.48 11.47
C LEU A 428 2.47 -27.80 11.74
N LYS A 429 2.26 -28.80 10.87
CA LYS A 429 2.92 -30.09 11.03
C LYS A 429 4.44 -29.93 11.07
N ALA A 430 4.98 -29.06 10.23
CA ALA A 430 6.42 -28.88 10.20
C ALA A 430 6.95 -28.43 11.55
N ALA A 431 6.21 -27.59 12.27
CA ALA A 431 6.66 -27.13 13.58
C ALA A 431 6.29 -28.09 14.71
N MET A 432 5.13 -28.73 14.67
CA MET A 432 4.62 -29.45 15.83
C MET A 432 4.10 -30.85 15.56
N GLY A 433 4.29 -31.38 14.35
CA GLY A 433 3.81 -32.72 14.06
C GLY A 433 2.30 -32.85 14.24
N THR A 434 1.87 -33.99 14.74
CA THR A 434 0.45 -34.26 14.87
C THR A 434 -0.24 -33.40 15.93
N ALA A 435 0.51 -32.61 16.71
CA ALA A 435 -0.10 -31.70 17.68
C ALA A 435 -0.96 -30.64 17.04
N TRP A 436 -0.85 -30.41 15.71
CA TRP A 436 -1.70 -29.40 15.08
C TRP A 436 -3.18 -29.64 15.37
N ARG A 437 -3.57 -30.88 15.67
CA ARG A 437 -4.98 -31.16 15.94
C ARG A 437 -5.48 -30.55 17.24
N ASP A 438 -4.60 -30.19 18.17
CA ASP A 438 -4.99 -29.50 19.39
C ASP A 438 -5.34 -28.05 19.17
N TYR A 439 -5.04 -27.50 17.99
CA TYR A 439 -5.15 -26.07 17.77
C TYR A 439 -6.13 -25.66 16.69
N ILE A 440 -6.50 -26.55 15.79
CA ILE A 440 -7.42 -26.15 14.72
C ILE A 440 -8.36 -27.30 14.40
N SER A 441 -9.62 -26.97 14.14
CA SER A 441 -10.65 -27.94 13.78
C SER A 441 -11.41 -27.38 12.58
N ILE A 442 -11.44 -28.12 11.48
CA ILE A 442 -12.16 -27.71 10.28
C ILE A 442 -13.37 -28.60 10.13
N CYS A 443 -14.56 -28.00 10.13
CA CYS A 443 -15.81 -28.74 10.11
C CYS A 443 -16.77 -28.13 9.08
N GLY A 444 -17.83 -28.90 8.78
CA GLY A 444 -18.93 -28.48 7.94
C GLY A 444 -20.23 -28.85 8.62
N LEU A 445 -21.37 -28.63 7.99
CA LEU A 445 -22.67 -28.92 8.59
C LEU A 445 -23.49 -29.79 7.67
N ARG A 446 -24.30 -30.67 8.26
CA ARG A 446 -25.15 -31.59 7.53
C ARG A 446 -26.40 -31.84 8.36
N THR A 447 -27.53 -32.04 7.69
CA THR A 447 -28.74 -32.43 8.38
C THR A 447 -29.41 -33.56 7.62
N HIS A 448 -30.50 -34.09 8.18
CA HIS A 448 -31.27 -35.15 7.55
C HIS A 448 -32.75 -34.94 7.83
N GLY A 449 -33.58 -35.56 6.98
CA GLY A 449 -35.03 -35.48 7.07
C GLY A 449 -35.67 -36.67 6.38
N GLU A 450 -36.94 -36.56 5.97
CA GLU A 450 -37.65 -37.67 5.34
C GLU A 450 -38.35 -37.17 4.09
N LEU A 451 -38.21 -37.93 3.00
CA LEU A 451 -38.89 -37.61 1.75
C LEU A 451 -39.10 -38.88 0.96
N GLY A 452 -40.31 -39.06 0.44
CA GLY A 452 -40.62 -40.25 -0.31
C GLY A 452 -40.59 -41.53 0.51
N GLY A 453 -40.76 -41.41 1.82
CA GLY A 453 -40.81 -42.58 2.68
C GLY A 453 -39.48 -43.14 3.13
N HIS A 454 -38.39 -42.37 3.00
CA HIS A 454 -37.08 -42.81 3.45
C HIS A 454 -36.26 -41.59 3.85
N PRO A 455 -35.23 -41.77 4.66
CA PRO A 455 -34.40 -40.62 5.05
C PRO A 455 -33.66 -40.02 3.86
N VAL A 456 -33.52 -38.70 3.88
CA VAL A 456 -32.71 -37.96 2.93
C VAL A 456 -31.77 -37.07 3.73
N SER A 457 -30.67 -36.67 3.08
CA SER A 457 -29.68 -35.85 3.74
C SER A 457 -29.19 -34.80 2.77
N GLU A 458 -28.79 -33.65 3.32
CA GLU A 458 -28.19 -32.58 2.54
C GLU A 458 -27.27 -31.77 3.44
N LEU A 459 -26.20 -31.22 2.84
CA LEU A 459 -25.39 -30.29 3.61
C LEU A 459 -26.16 -29.02 3.89
N ILE A 460 -25.86 -28.40 5.02
CA ILE A 460 -26.34 -27.06 5.31
C ILE A 460 -25.36 -26.09 4.67
N TYR A 461 -25.84 -25.25 3.76
CA TYR A 461 -24.93 -24.37 3.05
C TYR A 461 -24.48 -23.24 3.96
N ILE A 462 -23.20 -23.23 4.31
CA ILE A 462 -22.64 -22.19 5.19
C ILE A 462 -22.35 -20.98 4.30
N HIS A 463 -23.26 -20.02 4.31
CA HIS A 463 -23.08 -18.81 3.54
C HIS A 463 -22.59 -17.65 4.39
N SER A 464 -22.51 -17.85 5.70
CA SER A 464 -22.08 -16.82 6.64
C SER A 464 -20.71 -16.28 6.26
N LYS A 465 -20.42 -15.06 6.74
CA LYS A 465 -19.07 -14.46 6.68
C LYS A 465 -18.83 -13.83 8.04
N VAL A 466 -18.51 -14.65 9.04
CA VAL A 466 -18.41 -14.16 10.40
C VAL A 466 -17.11 -14.66 11.05
N LEU A 467 -16.54 -13.82 11.91
CA LEU A 467 -15.42 -14.20 12.75
C LEU A 467 -15.72 -13.76 14.17
N ILE A 468 -15.46 -14.65 15.12
CA ILE A 468 -15.55 -14.33 16.54
C ILE A 468 -14.18 -14.60 17.17
N ALA A 469 -13.72 -13.65 17.98
CA ALA A 469 -12.46 -13.84 18.71
C ALA A 469 -12.71 -13.66 20.19
N ASP A 470 -12.25 -14.63 20.98
CA ASP A 470 -12.11 -14.49 22.43
C ASP A 470 -13.44 -14.21 23.14
N ASP A 471 -14.59 -14.53 22.53
CA ASP A 471 -15.90 -14.21 23.13
C ASP A 471 -16.03 -12.71 23.42
N ARG A 472 -15.35 -11.87 22.64
CA ARG A 472 -15.34 -10.44 22.89
C ARG A 472 -15.47 -9.60 21.64
N THR A 473 -15.10 -10.11 20.47
CA THR A 473 -15.03 -9.35 19.23
C THR A 473 -15.67 -10.15 18.13
N VAL A 474 -16.43 -9.48 17.26
CA VAL A 474 -17.12 -10.12 16.15
C VAL A 474 -16.95 -9.28 14.89
N ILE A 475 -16.68 -9.95 13.78
CA ILE A 475 -16.76 -9.33 12.46
C ILE A 475 -17.87 -10.04 11.70
N ILE A 476 -18.83 -9.26 11.22
CA ILE A 476 -19.95 -9.75 10.42
C ILE A 476 -20.01 -8.89 9.18
N GLY A 477 -20.18 -9.53 8.03
CA GLY A 477 -20.24 -8.76 6.80
C GLY A 477 -20.52 -9.63 5.60
N SER A 478 -20.18 -9.11 4.42
CA SER A 478 -20.34 -9.83 3.18
C SER A 478 -19.03 -10.43 2.69
N ALA A 479 -17.92 -10.13 3.36
CA ALA A 479 -16.59 -10.45 2.86
C ALA A 479 -16.24 -11.90 3.11
N ASN A 480 -16.11 -12.69 2.05
CA ASN A 480 -15.53 -14.01 2.17
C ASN A 480 -14.04 -13.92 2.47
N ILE A 481 -13.45 -15.02 2.93
CA ILE A 481 -12.00 -15.10 3.09
C ILE A 481 -11.46 -15.60 1.75
N ASN A 482 -11.19 -14.66 0.86
CA ASN A 482 -10.53 -14.91 -0.41
C ASN A 482 -10.03 -13.57 -0.92
N ASP A 483 -9.22 -13.60 -1.98
CA ASP A 483 -8.68 -12.36 -2.52
C ASP A 483 -9.78 -11.48 -3.11
N ARG A 484 -10.81 -12.11 -3.69
CA ARG A 484 -11.87 -11.36 -4.34
C ARG A 484 -12.54 -10.38 -3.37
N SER A 485 -12.80 -10.83 -2.15
CA SER A 485 -13.47 -9.99 -1.15
C SER A 485 -12.54 -9.07 -0.39
N LEU A 486 -11.29 -9.47 -0.16
CA LEU A 486 -10.46 -8.82 0.85
C LEU A 486 -9.46 -7.82 0.30
N LEU A 487 -9.01 -7.97 -0.95
CA LEU A 487 -7.95 -7.11 -1.46
C LEU A 487 -8.40 -5.66 -1.63
N GLY A 488 -9.70 -5.41 -1.72
CA GLY A 488 -10.22 -4.09 -2.02
C GLY A 488 -10.34 -3.82 -3.50
N LYS A 489 -9.31 -4.18 -4.26
CA LYS A 489 -9.27 -3.92 -5.71
C LYS A 489 -10.34 -4.69 -6.46
N ARG A 490 -10.92 -5.73 -5.88
CA ARG A 490 -11.80 -6.60 -6.67
C ARG A 490 -13.26 -6.37 -6.31
N ASP A 491 -13.91 -7.33 -5.66
CA ASP A 491 -15.31 -7.12 -5.29
C ASP A 491 -15.42 -6.04 -4.23
N SER A 492 -16.50 -5.26 -4.28
CA SER A 492 -16.79 -4.36 -3.17
C SER A 492 -17.54 -5.13 -2.09
N GLU A 493 -17.20 -4.86 -0.83
CA GLU A 493 -17.71 -5.58 0.34
C GLU A 493 -17.90 -4.63 1.50
N LEU A 494 -18.74 -5.06 2.46
CA LEU A 494 -18.96 -4.34 3.70
C LEU A 494 -18.84 -5.29 4.89
N ALA A 495 -18.42 -4.74 6.03
CA ALA A 495 -18.46 -5.50 7.27
C ALA A 495 -18.52 -4.52 8.43
N VAL A 496 -18.90 -5.03 9.59
CA VAL A 496 -18.79 -4.26 10.81
C VAL A 496 -17.95 -5.04 11.81
N LEU A 497 -17.10 -4.30 12.52
CA LEU A 497 -16.34 -4.81 13.64
C LEU A 497 -17.06 -4.39 14.90
N ILE A 498 -17.47 -5.38 15.71
CA ILE A 498 -18.32 -5.16 16.87
C ILE A 498 -17.53 -5.58 18.10
N GLU A 499 -17.20 -4.62 18.95
CA GLU A 499 -16.42 -4.87 20.16
C GLU A 499 -17.29 -4.61 21.38
N ASP A 500 -17.34 -5.58 22.28
CA ASP A 500 -18.19 -5.45 23.46
C ASP A 500 -17.56 -4.47 24.45
N THR A 501 -18.41 -3.64 25.04
CA THR A 501 -18.02 -2.83 26.18
C THR A 501 -18.64 -3.32 27.47
N GLU A 502 -19.71 -4.11 27.40
CA GLU A 502 -20.34 -4.74 28.55
C GLU A 502 -20.04 -6.23 28.54
N THR A 503 -19.89 -6.81 29.72
CA THR A 503 -19.40 -8.17 29.84
C THR A 503 -20.32 -9.00 30.72
N GLU A 504 -20.11 -10.32 30.66
CA GLU A 504 -20.80 -11.28 31.49
C GLU A 504 -19.79 -12.27 32.04
N PRO A 505 -19.96 -12.73 33.27
CA PRO A 505 -19.08 -13.78 33.79
C PRO A 505 -19.19 -15.05 32.96
N SER A 506 -18.05 -15.58 32.54
CA SER A 506 -18.00 -16.81 31.76
C SER A 506 -16.72 -17.56 32.15
N LEU A 507 -16.33 -18.53 31.31
CA LEU A 507 -15.16 -19.35 31.56
C LEU A 507 -14.27 -19.35 30.33
N MET A 508 -12.97 -19.55 30.56
CA MET A 508 -12.01 -19.69 29.47
C MET A 508 -10.90 -20.61 29.99
N ASN A 509 -10.87 -21.83 29.47
CA ASN A 509 -9.96 -22.88 29.94
C ASN A 509 -10.01 -23.00 31.46
N GLY A 510 -11.23 -23.10 32.00
CA GLY A 510 -11.43 -23.31 33.42
C GLY A 510 -11.32 -22.07 34.29
N ALA A 511 -10.77 -20.98 33.79
CA ALA A 511 -10.61 -19.77 34.60
C ALA A 511 -11.78 -18.82 34.39
N GLU A 512 -12.12 -18.07 35.44
CA GLU A 512 -13.11 -17.02 35.33
C GLU A 512 -12.69 -16.02 34.25
N TYR A 513 -13.66 -15.58 33.44
CA TYR A 513 -13.39 -14.79 32.25
C TYR A 513 -14.56 -13.86 31.98
N GLN A 514 -14.29 -12.56 31.88
CA GLN A 514 -15.31 -11.58 31.53
C GLN A 514 -15.47 -11.59 30.02
N ALA A 515 -16.53 -12.24 29.53
CA ALA A 515 -16.80 -12.30 28.10
C ALA A 515 -17.70 -11.15 27.66
N GLY A 516 -17.58 -10.74 26.41
CA GLY A 516 -18.48 -9.70 25.90
C GLY A 516 -19.88 -10.23 25.66
N ARG A 517 -20.88 -9.36 25.88
CA ARG A 517 -22.29 -9.80 25.83
C ARG A 517 -22.71 -10.17 24.41
N PHE A 518 -22.43 -9.30 23.44
CA PHE A 518 -22.80 -9.56 22.05
C PHE A 518 -22.08 -10.80 21.51
N ALA A 519 -20.78 -10.90 21.77
CA ALA A 519 -19.98 -11.98 21.19
C ALA A 519 -20.31 -13.31 21.83
N LEU A 520 -20.50 -13.32 23.15
CA LEU A 520 -20.80 -14.56 23.87
C LEU A 520 -22.14 -15.12 23.45
N SER A 521 -23.17 -14.27 23.38
CA SER A 521 -24.50 -14.77 23.01
C SER A 521 -24.50 -15.32 21.59
N LEU A 522 -23.84 -14.63 20.65
CA LEU A 522 -23.70 -15.17 19.30
C LEU A 522 -22.94 -16.48 19.29
N ARG A 523 -21.75 -16.52 19.92
CA ARG A 523 -20.96 -17.74 19.89
C ARG A 523 -21.72 -18.91 20.52
N LYS A 524 -22.37 -18.67 21.66
CA LYS A 524 -23.17 -19.73 22.27
C LYS A 524 -24.32 -20.15 21.38
N HIS A 525 -24.95 -19.19 20.68
CA HIS A 525 -26.05 -19.53 19.79
C HIS A 525 -25.56 -20.39 18.63
N CYS A 526 -24.42 -20.03 18.04
CA CYS A 526 -23.83 -20.87 17.01
C CYS A 526 -23.56 -22.28 17.54
N PHE A 527 -22.78 -22.37 18.62
CA PHE A 527 -22.41 -23.68 19.17
C PHE A 527 -23.64 -24.52 19.52
N GLY A 528 -24.67 -23.88 20.09
CA GLY A 528 -25.84 -24.62 20.53
C GLY A 528 -26.57 -25.28 19.37
N VAL A 529 -26.75 -24.55 18.28
CA VAL A 529 -27.44 -25.10 17.12
C VAL A 529 -26.58 -26.16 16.45
N ILE A 530 -25.28 -25.91 16.34
CA ILE A 530 -24.39 -26.85 15.65
C ILE A 530 -24.27 -28.16 16.42
N LEU A 531 -24.21 -28.09 17.75
CA LEU A 531 -24.05 -29.28 18.59
C LEU A 531 -25.37 -29.89 19.01
N GLY A 532 -26.49 -29.17 18.88
CA GLY A 532 -27.80 -29.76 19.12
C GLY A 532 -28.47 -29.32 20.40
N PRO A 537 -28.75 -29.72 25.20
CA PRO A 537 -29.64 -29.58 26.37
C PRO A 537 -28.86 -29.59 27.68
N ASP A 538 -28.17 -30.70 27.95
CA ASP A 538 -27.27 -30.81 29.08
C ASP A 538 -25.83 -30.44 28.71
N LEU A 539 -25.65 -29.73 27.59
CA LEU A 539 -24.32 -29.35 27.13
C LEU A 539 -23.84 -28.10 27.82
N ASP A 540 -22.57 -28.12 28.25
CA ASP A 540 -21.94 -26.96 28.89
C ASP A 540 -21.16 -26.20 27.83
N LEU A 541 -21.70 -25.06 27.40
CA LEU A 541 -21.11 -24.23 26.36
C LEU A 541 -20.43 -22.99 26.92
N ARG A 542 -20.17 -22.94 28.23
CA ARG A 542 -19.57 -21.75 28.82
C ARG A 542 -18.12 -21.59 28.38
N ASP A 543 -17.36 -22.67 28.45
CA ASP A 543 -15.93 -22.68 28.16
C ASP A 543 -15.73 -23.17 26.74
N PRO A 544 -15.26 -22.30 25.80
CA PRO A 544 -15.07 -22.74 24.43
C PRO A 544 -13.69 -23.32 24.10
N ILE A 545 -12.77 -23.43 25.05
CA ILE A 545 -11.42 -23.88 24.68
C ILE A 545 -10.88 -24.99 25.57
N CYS A 546 -11.51 -25.25 26.71
CA CYS A 546 -10.98 -26.29 27.60
C CYS A 546 -10.94 -27.64 26.89
N ASP A 547 -10.04 -28.50 27.35
CA ASP A 547 -9.77 -29.79 26.71
C ASP A 547 -11.02 -30.64 26.59
N ASP A 548 -11.80 -30.73 27.67
CA ASP A 548 -13.04 -31.51 27.63
C ASP A 548 -13.96 -31.03 26.50
N PHE A 549 -14.13 -29.72 26.35
CA PHE A 549 -15.05 -29.24 25.34
C PHE A 549 -14.49 -29.43 23.93
N PHE A 550 -13.20 -29.18 23.75
CA PHE A 550 -12.60 -29.37 22.43
C PHE A 550 -12.62 -30.84 22.02
N GLN A 551 -12.39 -31.76 22.97
CA GLN A 551 -12.50 -33.19 22.68
C GLN A 551 -13.93 -33.55 22.27
N LEU A 552 -14.91 -33.05 23.02
CA LEU A 552 -16.31 -33.32 22.70
C LEU A 552 -16.66 -32.79 21.31
N TRP A 553 -16.14 -31.61 20.97
CA TRP A 553 -16.34 -31.06 19.64
C TRP A 553 -15.78 -31.99 18.57
N GLN A 554 -14.53 -32.43 18.73
CA GLN A 554 -13.93 -33.30 17.74
C GLN A 554 -14.63 -34.65 17.67
N ASP A 555 -14.99 -35.20 18.83
CA ASP A 555 -15.67 -36.50 18.84
C ASP A 555 -17.01 -36.42 18.12
N MET A 556 -17.78 -35.35 18.37
CA MET A 556 -19.07 -35.19 17.70
C MET A 556 -18.90 -35.06 16.19
N ALA A 557 -17.96 -34.21 15.76
CA ALA A 557 -17.73 -34.03 14.33
C ALA A 557 -17.40 -35.34 13.66
N GLU A 558 -16.54 -36.16 14.28
CA GLU A 558 -16.18 -37.43 13.66
C GLU A 558 -17.33 -38.43 13.72
N SER A 559 -18.01 -38.51 14.88
CA SER A 559 -19.09 -39.46 15.04
C SER A 559 -20.23 -39.18 14.07
N ASN A 560 -20.65 -37.92 13.95
CA ASN A 560 -21.69 -37.58 12.98
C ASN A 560 -21.24 -37.90 11.56
N ALA A 561 -20.02 -37.50 11.20
CA ALA A 561 -19.52 -37.75 9.85
C ALA A 561 -19.52 -39.24 9.54
N ASN A 562 -19.15 -40.07 10.51
CA ASN A 562 -19.15 -41.51 10.30
C ASN A 562 -20.56 -42.03 10.07
N ILE A 563 -21.54 -41.56 10.84
CA ILE A 563 -22.91 -42.05 10.68
C ILE A 563 -23.46 -41.61 9.33
N TYR A 564 -23.32 -40.32 8.99
CA TYR A 564 -23.82 -39.84 7.71
C TYR A 564 -23.20 -40.63 6.56
N GLU A 565 -21.91 -40.93 6.65
CA GLU A 565 -21.29 -41.74 5.59
C GLU A 565 -21.85 -43.17 5.58
N GLN A 566 -22.15 -43.72 6.76
CA GLN A 566 -22.69 -45.07 6.83
C GLN A 566 -24.10 -45.16 6.25
N ILE A 567 -24.92 -44.12 6.42
CA ILE A 567 -26.31 -44.20 6.03
C ILE A 567 -26.55 -43.64 4.62
N PHE A 568 -25.83 -42.59 4.23
CA PHE A 568 -26.14 -41.89 2.99
C PHE A 568 -25.04 -41.95 1.95
N ARG A 569 -23.83 -42.37 2.33
CA ARG A 569 -22.66 -42.34 1.44
C ARG A 569 -22.51 -40.97 0.76
N CYS A 570 -22.65 -39.92 1.55
CA CYS A 570 -22.70 -38.58 1.00
C CYS A 570 -21.29 -38.06 0.71
N LEU A 571 -21.21 -37.23 -0.29
CA LEU A 571 -20.01 -36.53 -0.72
C LEU A 571 -20.03 -35.10 -0.19
N PRO A 572 -18.86 -34.51 0.15
CA PRO A 572 -17.51 -35.09 0.00
C PRO A 572 -17.20 -36.14 1.06
N SER A 573 -16.13 -36.88 0.82
CA SER A 573 -15.78 -37.98 1.72
C SER A 573 -14.29 -38.26 1.60
N ASN A 574 -13.69 -38.73 2.70
CA ASN A 574 -12.31 -39.19 2.66
C ASN A 574 -12.16 -40.51 1.91
N ALA A 575 -13.27 -41.22 1.64
CA ALA A 575 -13.19 -42.52 1.00
C ALA A 575 -13.01 -42.43 -0.52
N THR A 576 -13.02 -41.23 -1.09
CA THR A 576 -12.90 -41.04 -2.53
C THR A 576 -11.73 -40.09 -2.80
N ARG A 577 -10.53 -40.64 -2.88
CA ARG A 577 -9.32 -39.86 -3.05
C ARG A 577 -9.04 -39.51 -4.50
N SER A 578 -9.73 -40.15 -5.45
CA SER A 578 -9.53 -39.89 -6.87
C SER A 578 -10.88 -39.97 -7.56
N LEU A 579 -10.90 -39.50 -8.81
CA LEU A 579 -12.14 -39.58 -9.59
C LEU A 579 -12.49 -41.03 -9.92
N ARG A 580 -11.47 -41.87 -10.18
CA ARG A 580 -11.74 -43.27 -10.49
C ARG A 580 -12.38 -43.98 -9.31
N THR A 581 -11.93 -43.72 -8.08
CA THR A 581 -12.60 -44.31 -6.93
C THR A 581 -13.93 -43.64 -6.62
N LEU A 582 -14.10 -42.37 -7.02
CA LEU A 582 -15.40 -41.72 -6.89
C LEU A 582 -16.44 -42.39 -7.77
N ARG A 583 -16.06 -42.79 -8.98
CA ARG A 583 -17.04 -43.36 -9.92
C ARG A 583 -17.60 -44.67 -9.38
N GLU A 584 -16.76 -45.51 -8.78
CA GLU A 584 -17.23 -46.75 -8.20
C GLU A 584 -17.95 -46.52 -6.87
N TYR A 585 -17.60 -45.45 -6.15
CA TYR A 585 -18.18 -45.21 -4.84
C TYR A 585 -19.64 -44.78 -4.94
N VAL A 586 -19.97 -43.95 -5.94
CA VAL A 586 -21.36 -43.51 -6.10
C VAL A 586 -22.22 -44.58 -6.75
N ALA A 587 -21.63 -45.63 -7.31
CA ALA A 587 -22.41 -46.71 -7.91
C ALA A 587 -23.08 -47.62 -6.88
N VAL A 588 -23.02 -47.28 -5.60
CA VAL A 588 -23.54 -48.11 -4.53
C VAL A 588 -24.79 -47.45 -3.96
N GLU A 589 -25.84 -48.24 -3.74
CA GLU A 589 -27.08 -47.70 -3.19
C GLU A 589 -26.95 -47.53 -1.68
N PRO A 590 -27.25 -46.35 -1.14
CA PRO A 590 -27.05 -46.13 0.29
C PRO A 590 -28.13 -46.81 1.13
N LEU A 591 -27.80 -47.03 2.39
CA LEU A 591 -28.70 -47.74 3.31
C LEU A 591 -30.01 -46.98 3.49
N ALA A 592 -29.95 -45.64 3.43
CA ALA A 592 -31.14 -44.80 3.53
C ALA A 592 -32.29 -45.31 2.66
N THR A 593 -31.99 -45.72 1.42
CA THR A 593 -33.04 -46.27 0.55
C THR A 593 -33.08 -47.79 0.53
N VAL A 594 -31.97 -48.47 0.81
CA VAL A 594 -31.97 -49.93 0.82
C VAL A 594 -32.87 -50.45 1.94
N SER A 595 -32.70 -49.90 3.15
CA SER A 595 -33.50 -50.29 4.31
C SER A 595 -33.79 -49.07 5.16
N PRO A 596 -34.85 -48.33 4.82
CA PRO A 596 -35.21 -47.12 5.60
C PRO A 596 -35.34 -47.40 7.10
N PRO A 597 -35.92 -48.53 7.53
CA PRO A 597 -35.97 -48.77 8.99
C PRO A 597 -34.60 -48.85 9.64
N LEU A 598 -33.65 -49.58 9.04
CA LEU A 598 -32.31 -49.65 9.61
C LEU A 598 -31.64 -48.27 9.59
N ALA A 599 -31.80 -47.55 8.47
CA ALA A 599 -31.26 -46.20 8.37
C ALA A 599 -31.81 -45.30 9.46
N ARG A 600 -33.14 -45.32 9.65
CA ARG A 600 -33.79 -44.49 10.64
C ARG A 600 -33.23 -44.77 12.04
N SER A 601 -33.06 -46.04 12.39
CA SER A 601 -32.56 -46.40 13.71
C SER A 601 -31.15 -45.85 13.94
N GLU A 602 -30.26 -45.96 12.95
CA GLU A 602 -28.90 -45.46 13.11
C GLU A 602 -28.85 -43.94 13.15
N LEU A 603 -29.75 -43.27 12.43
CA LEU A 603 -29.76 -41.81 12.45
C LEU A 603 -30.13 -41.24 13.82
N THR A 604 -30.69 -42.06 14.73
CA THR A 604 -30.99 -41.58 16.08
C THR A 604 -29.72 -41.25 16.86
N GLN A 605 -28.55 -41.67 16.40
CA GLN A 605 -27.28 -41.41 17.07
C GLN A 605 -26.60 -40.13 16.61
N VAL A 606 -27.14 -39.48 15.58
CA VAL A 606 -26.61 -38.19 15.15
C VAL A 606 -26.97 -37.13 16.18
N GLN A 607 -25.98 -36.36 16.62
CA GLN A 607 -26.20 -35.27 17.58
C GLN A 607 -25.79 -33.96 16.92
N GLY A 608 -26.74 -33.03 16.77
CA GLY A 608 -26.37 -31.78 16.12
C GLY A 608 -26.09 -31.98 14.64
N HIS A 609 -25.48 -30.95 14.05
CA HIS A 609 -25.22 -30.92 12.62
C HIS A 609 -23.74 -30.96 12.28
N LEU A 610 -22.87 -30.91 13.29
CA LEU A 610 -21.43 -30.80 13.07
C LEU A 610 -20.85 -32.08 12.45
N VAL A 611 -20.17 -31.93 11.32
CA VAL A 611 -19.46 -33.04 10.68
C VAL A 611 -18.03 -32.62 10.38
N HIS A 612 -17.10 -33.56 10.55
CA HIS A 612 -15.70 -33.33 10.20
C HIS A 612 -15.56 -32.99 8.71
N PHE A 613 -14.73 -31.99 8.42
CA PHE A 613 -14.47 -31.62 7.02
C PHE A 613 -13.46 -32.59 6.42
N PRO A 614 -13.84 -33.39 5.39
CA PRO A 614 -12.90 -34.40 4.85
C PRO A 614 -11.71 -33.79 4.13
N LEU A 615 -10.51 -33.95 4.68
CA LEU A 615 -9.32 -33.30 4.14
C LEU A 615 -8.70 -34.06 2.98
N LYS A 616 -9.14 -35.29 2.71
CA LYS A 616 -8.53 -36.13 1.70
C LYS A 616 -9.43 -36.35 0.49
N PHE A 617 -10.57 -35.68 0.43
CA PHE A 617 -11.48 -35.82 -0.70
C PHE A 617 -10.80 -35.42 -1.99
N LEU A 618 -10.70 -36.36 -2.94
CA LEU A 618 -10.09 -36.14 -4.25
C LEU A 618 -8.63 -35.66 -4.16
N GLU A 619 -7.92 -36.08 -3.11
CA GLU A 619 -6.56 -35.58 -2.92
C GLU A 619 -5.58 -36.11 -3.94
N ASP A 620 -5.96 -37.08 -4.77
CA ASP A 620 -5.09 -37.60 -5.81
C ASP A 620 -5.33 -36.93 -7.16
N GLU A 621 -6.17 -35.90 -7.21
CA GLU A 621 -6.50 -35.22 -8.45
C GLU A 621 -5.94 -33.81 -8.44
N SER A 622 -5.65 -33.29 -9.64
CA SER A 622 -5.12 -31.93 -9.75
C SER A 622 -6.18 -30.87 -9.48
N LEU A 623 -7.43 -31.11 -9.89
CA LEU A 623 -8.60 -30.27 -9.64
C LEU A 623 -8.52 -28.89 -10.30
N LEU A 624 -7.44 -28.57 -11.00
CA LEU A 624 -7.45 -27.33 -11.76
C LEU A 624 -7.86 -27.62 -13.21
N PRO A 625 -8.54 -26.70 -13.89
CA PRO A 625 -9.05 -26.97 -15.24
C PRO A 625 -8.03 -26.59 -16.30
N PRO A 626 -7.85 -27.43 -17.33
CA PRO A 626 -7.00 -27.09 -18.47
C PRO A 626 -7.80 -26.62 -19.69
N GLY A 632 -10.49 -23.24 -18.07
CA GLY A 632 -9.15 -23.38 -18.61
C GLY A 632 -8.49 -22.07 -18.99
N MET A 633 -9.15 -21.31 -19.85
CA MET A 633 -8.68 -19.98 -20.24
C MET A 633 -9.21 -18.88 -19.32
N ILE A 634 -10.05 -19.24 -18.35
CA ILE A 634 -10.49 -18.29 -17.33
C ILE A 634 -9.29 -17.91 -16.46
N PRO A 635 -9.03 -16.63 -16.21
CA PRO A 635 -7.93 -16.27 -15.31
C PRO A 635 -8.18 -16.84 -13.93
N LEU A 636 -7.09 -17.28 -13.28
CA LEU A 636 -7.22 -17.99 -12.01
C LEU A 636 -7.74 -17.08 -10.91
N GLU A 637 -7.47 -15.78 -10.99
CA GLU A 637 -7.96 -14.87 -9.96
C GLU A 637 -9.47 -14.77 -9.92
N VAL A 638 -10.17 -15.38 -10.89
CA VAL A 638 -11.62 -15.51 -10.78
C VAL A 638 -11.99 -16.35 -9.58
N TRP A 639 -11.15 -17.32 -9.21
CA TRP A 639 -11.49 -18.24 -8.14
C TRP A 639 -10.83 -17.90 -6.80
N THR A 640 -9.83 -17.03 -6.78
CA THR A 640 -9.09 -16.76 -5.54
C THR A 640 -9.59 -15.54 -4.74
N ARG B 22 18.96 49.97 -5.04
CA ARG B 22 18.96 49.18 -6.26
C ARG B 22 18.04 47.97 -6.12
N ASP B 23 18.58 46.80 -6.44
CA ASP B 23 17.81 45.58 -6.61
C ASP B 23 17.37 44.94 -5.29
N PHE B 24 17.86 45.40 -4.15
CA PHE B 24 17.67 44.66 -2.90
C PHE B 24 16.92 45.46 -1.84
N LEU B 25 16.01 46.34 -2.27
CA LEU B 25 15.12 47.05 -1.37
C LEU B 25 13.69 46.52 -1.43
N GLN B 26 13.45 45.48 -2.22
CA GLN B 26 12.14 44.85 -2.33
C GLN B 26 12.33 43.36 -2.57
N LEU B 27 11.25 42.60 -2.37
CA LEU B 27 11.25 41.20 -2.74
C LEU B 27 10.99 41.06 -4.24
N HIS B 28 11.19 39.84 -4.75
CA HIS B 28 11.08 39.58 -6.18
C HIS B 28 10.28 38.32 -6.46
N ARG B 29 10.27 37.88 -7.73
CA ARG B 29 9.54 36.68 -8.13
C ARG B 29 9.86 35.50 -7.21
N HIS B 30 8.82 34.72 -6.89
CA HIS B 30 8.89 33.64 -5.91
C HIS B 30 9.25 34.12 -4.51
N ASP B 31 9.10 35.43 -4.25
CA ASP B 31 9.42 36.04 -2.96
C ASP B 31 10.89 35.86 -2.61
N SER B 32 11.74 35.86 -3.62
CA SER B 32 13.17 35.78 -3.44
C SER B 32 13.78 37.16 -3.21
N TYR B 33 14.96 37.15 -2.59
CA TYR B 33 15.68 38.40 -2.35
C TYR B 33 16.37 38.92 -3.60
N ALA B 34 16.56 38.08 -4.62
CA ALA B 34 17.23 38.44 -5.85
C ALA B 34 16.29 38.33 -7.04
N PRO B 35 16.38 39.25 -7.99
CA PRO B 35 15.53 39.15 -9.19
C PRO B 35 16.12 38.17 -10.19
N PRO B 36 15.32 37.68 -11.14
CA PRO B 36 15.89 36.88 -12.22
C PRO B 36 16.87 37.72 -13.03
N ARG B 37 17.95 37.08 -13.46
CA ARG B 37 19.02 37.78 -14.18
C ARG B 37 19.10 37.24 -15.60
N PRO B 38 18.61 37.96 -16.59
CA PRO B 38 18.71 37.48 -17.98
C PRO B 38 20.13 37.61 -18.51
N GLY B 39 20.40 36.91 -19.60
CA GLY B 39 21.71 37.01 -20.24
C GLY B 39 22.84 36.45 -19.39
N THR B 40 22.53 35.49 -18.54
CA THR B 40 23.50 34.91 -17.61
C THR B 40 24.12 33.66 -18.22
N LEU B 41 25.44 33.55 -18.11
CA LEU B 41 26.14 32.32 -18.48
C LEU B 41 26.07 31.32 -17.33
N ALA B 42 25.55 30.13 -17.61
CA ALA B 42 25.39 29.05 -16.64
C ALA B 42 25.89 27.75 -17.25
N ARG B 43 26.55 26.93 -16.43
CA ARG B 43 27.06 25.64 -16.88
C ARG B 43 26.81 24.60 -15.80
N TRP B 44 26.12 23.52 -16.15
CA TRP B 44 25.84 22.47 -15.19
C TRP B 44 26.97 21.45 -15.14
N PHE B 45 27.05 20.74 -14.01
CA PHE B 45 27.95 19.59 -13.87
C PHE B 45 27.17 18.42 -13.30
N VAL B 46 27.43 17.22 -13.79
CA VAL B 46 26.94 16.01 -13.17
C VAL B 46 28.15 15.25 -12.63
N ASN B 47 28.10 14.90 -11.35
CA ASN B 47 29.18 14.27 -10.59
C ASN B 47 30.27 15.27 -10.23
N GLY B 48 31.06 14.93 -9.20
CA GLY B 48 32.07 15.85 -8.70
C GLY B 48 33.28 16.07 -9.59
N ALA B 49 33.58 15.13 -10.49
CA ALA B 49 34.83 15.22 -11.25
C ALA B 49 34.93 16.55 -11.99
N GLY B 50 33.96 16.82 -12.87
CA GLY B 50 33.95 18.09 -13.57
C GLY B 50 33.77 19.28 -12.65
N TYR B 51 32.92 19.13 -11.63
CA TYR B 51 32.63 20.24 -10.71
C TYR B 51 33.88 20.64 -9.93
N PHE B 52 34.55 19.68 -9.31
CA PHE B 52 35.73 20.00 -8.51
C PHE B 52 36.88 20.50 -9.37
N ALA B 53 37.00 20.01 -10.60
CA ALA B 53 38.08 20.49 -11.47
C ALA B 53 37.85 21.95 -11.87
N ALA B 54 36.59 22.31 -12.16
CA ALA B 54 36.27 23.69 -12.48
C ALA B 54 36.41 24.59 -11.27
N VAL B 55 36.10 24.07 -10.08
CA VAL B 55 36.35 24.82 -8.84
C VAL B 55 37.83 25.12 -8.70
N ALA B 56 38.67 24.10 -8.89
CA ALA B 56 40.12 24.29 -8.85
C ALA B 56 40.57 25.35 -9.84
N ASP B 57 39.96 25.38 -11.02
CA ASP B 57 40.37 26.36 -12.03
C ASP B 57 39.92 27.77 -11.67
N ALA B 58 38.70 27.91 -11.13
CA ALA B 58 38.29 29.24 -10.69
C ALA B 58 39.14 29.73 -9.53
N ILE B 59 39.55 28.83 -8.63
CA ILE B 59 40.38 29.25 -7.50
C ILE B 59 41.73 29.79 -7.99
N LEU B 60 42.31 29.15 -8.99
CA LEU B 60 43.59 29.60 -9.53
C LEU B 60 43.53 31.00 -10.12
N ARG B 61 42.34 31.47 -10.52
CA ARG B 61 42.18 32.77 -11.17
C ARG B 61 41.65 33.84 -10.22
N ALA B 62 41.51 33.53 -8.93
CA ALA B 62 41.01 34.50 -7.98
C ALA B 62 41.97 35.67 -7.81
N GLN B 63 41.42 36.86 -7.56
CA GLN B 63 42.25 38.05 -7.43
C GLN B 63 41.93 38.86 -6.19
N GLU B 64 40.67 38.90 -5.77
CA GLU B 64 40.26 39.77 -4.66
C GLU B 64 39.68 39.00 -3.49
N GLU B 65 38.64 38.19 -3.72
CA GLU B 65 37.93 37.53 -2.64
C GLU B 65 37.60 36.10 -3.03
N ILE B 66 37.50 35.23 -2.03
CA ILE B 66 36.96 33.88 -2.19
C ILE B 66 36.02 33.63 -1.02
N PHE B 67 34.77 33.32 -1.33
CA PHE B 67 33.77 33.01 -0.32
C PHE B 67 33.44 31.52 -0.38
N ILE B 68 33.35 30.87 0.78
CA ILE B 68 33.05 29.45 0.86
C ILE B 68 32.07 29.19 1.99
N THR B 69 30.98 28.48 1.68
CA THR B 69 30.08 27.91 2.68
C THR B 69 30.04 26.40 2.47
N ASP B 70 29.91 25.66 3.56
CA ASP B 70 29.91 24.22 3.47
C ASP B 70 29.27 23.64 4.72
N TRP B 71 28.41 22.64 4.50
CA TRP B 71 27.97 21.81 5.61
C TRP B 71 29.14 21.02 6.18
N TRP B 72 30.00 20.49 5.30
CA TRP B 72 31.23 19.82 5.71
C TRP B 72 32.32 20.19 4.70
N LEU B 73 33.51 20.51 5.21
CA LEU B 73 34.65 20.84 4.37
C LEU B 73 35.82 19.98 4.79
N SER B 74 36.34 19.17 3.87
CA SER B 74 37.50 18.33 4.15
C SER B 74 38.73 19.05 3.61
N PRO B 75 39.58 19.61 4.48
CA PRO B 75 40.64 20.50 3.97
C PRO B 75 41.62 19.82 3.03
N GLU B 76 41.83 18.52 3.18
CA GLU B 76 42.83 17.79 2.40
C GLU B 76 42.25 17.10 1.17
N VAL B 77 40.99 17.39 0.82
CA VAL B 77 40.42 16.80 -0.38
C VAL B 77 41.15 17.33 -1.60
N TYR B 78 41.30 16.48 -2.61
CA TYR B 78 41.94 16.86 -3.85
C TYR B 78 40.87 17.22 -4.87
N LEU B 79 41.05 18.36 -5.56
CA LEU B 79 40.08 18.76 -6.57
C LEU B 79 40.32 18.12 -7.92
N LYS B 80 41.48 17.50 -8.13
CA LYS B 80 41.76 16.76 -9.36
C LYS B 80 42.36 15.40 -8.99
N ARG B 81 41.91 14.35 -9.66
CA ARG B 81 42.34 13.00 -9.37
C ARG B 81 42.90 12.33 -10.62
N PRO B 82 43.85 11.39 -10.48
CA PRO B 82 44.52 11.00 -9.23
C PRO B 82 45.53 12.04 -8.78
N ALA B 83 45.64 12.27 -7.48
CA ALA B 83 46.63 13.21 -6.98
C ALA B 83 48.04 12.73 -7.28
N HIS B 84 48.93 13.67 -7.61
CA HIS B 84 50.35 13.37 -7.76
C HIS B 84 51.25 14.27 -6.95
N SER B 85 50.71 15.32 -6.32
CA SER B 85 51.50 16.27 -5.54
C SER B 85 50.54 17.06 -4.67
N ASP B 86 51.10 18.05 -3.97
CA ASP B 86 50.28 19.00 -3.22
C ASP B 86 49.42 19.89 -4.12
N ASP B 87 49.67 19.90 -5.44
CA ASP B 87 48.84 20.69 -6.32
C ASP B 87 47.43 20.10 -6.40
N TRP B 88 46.47 20.97 -6.69
CA TRP B 88 45.05 20.65 -6.78
C TRP B 88 44.45 20.23 -5.44
N ARG B 89 45.17 20.41 -4.35
CA ARG B 89 44.69 20.08 -3.02
C ARG B 89 44.11 21.33 -2.38
N LEU B 90 42.91 21.19 -1.81
CA LEU B 90 42.08 22.35 -1.48
C LEU B 90 42.80 23.33 -0.56
N ASP B 91 43.29 22.86 0.60
CA ASP B 91 43.93 23.78 1.54
C ASP B 91 45.16 24.44 0.92
N ILE B 92 45.95 23.68 0.16
CA ILE B 92 47.15 24.24 -0.45
C ILE B 92 46.78 25.33 -1.46
N MET B 93 45.76 25.09 -2.28
CA MET B 93 45.33 26.11 -3.24
C MET B 93 44.86 27.37 -2.53
N LEU B 94 44.09 27.21 -1.46
CA LEU B 94 43.67 28.38 -0.68
C LEU B 94 44.87 29.07 -0.05
N LYS B 95 45.84 28.29 0.43
CA LYS B 95 47.03 28.88 1.03
C LYS B 95 47.82 29.69 0.02
N ARG B 96 47.85 29.26 -1.24
CA ARG B 96 48.61 29.96 -2.26
C ARG B 96 47.91 31.21 -2.75
N LYS B 97 46.60 31.34 -2.52
CA LYS B 97 45.92 32.56 -2.89
C LYS B 97 45.98 33.60 -1.77
N ALA B 98 46.02 33.15 -0.51
CA ALA B 98 45.95 34.08 0.62
C ALA B 98 47.24 34.89 0.77
N GLU B 99 48.39 34.25 0.56
CA GLU B 99 49.68 34.94 0.59
C GLU B 99 49.77 35.98 -0.52
N GLU B 100 49.11 35.72 -1.66
CA GLU B 100 49.04 36.67 -2.75
C GLU B 100 48.01 37.76 -2.52
N GLY B 101 47.35 37.78 -1.37
CA GLY B 101 46.46 38.85 -1.00
C GLY B 101 44.99 38.50 -1.10
N VAL B 102 44.63 37.33 -1.63
CA VAL B 102 43.23 36.93 -1.69
C VAL B 102 42.71 36.72 -0.27
N ARG B 103 41.62 37.42 0.06
CA ARG B 103 40.96 37.25 1.35
C ARG B 103 39.97 36.09 1.24
N VAL B 104 40.28 34.97 1.88
CA VAL B 104 39.44 33.78 1.86
C VAL B 104 38.56 33.80 3.09
N SER B 105 37.24 33.86 2.89
CA SER B 105 36.27 33.85 3.97
C SER B 105 35.44 32.58 3.87
N ILE B 106 35.39 31.82 4.96
CA ILE B 106 34.76 30.50 4.98
C ILE B 106 33.73 30.46 6.09
N LEU B 107 32.50 30.08 5.75
CA LEU B 107 31.42 29.86 6.70
C LEU B 107 31.16 28.36 6.80
N LEU B 108 31.39 27.80 7.98
CA LEU B 108 31.20 26.37 8.22
C LEU B 108 30.09 26.13 9.22
N PHE B 109 29.30 25.09 8.98
CA PHE B 109 28.30 24.67 9.95
C PHE B 109 28.98 24.04 11.17
N LYS B 110 28.51 24.40 12.36
CA LYS B 110 29.02 23.84 13.60
C LYS B 110 28.10 22.71 14.08
N GLU B 111 28.63 21.49 14.10
CA GLU B 111 27.84 20.33 14.51
C GLU B 111 27.68 20.33 16.03
N VAL B 112 26.88 19.39 16.52
CA VAL B 112 26.70 19.18 17.94
C VAL B 112 27.29 17.81 18.29
N GLU B 113 28.41 17.82 19.02
CA GLU B 113 29.15 16.60 19.39
C GLU B 113 29.51 15.76 18.16
N LEU B 116 27.25 14.65 15.09
CA LEU B 116 27.79 14.37 13.77
C LEU B 116 29.29 14.11 13.83
N GLY B 117 29.84 13.54 12.75
CA GLY B 117 31.26 13.27 12.68
C GLY B 117 31.97 14.09 11.62
N ILE B 118 31.51 15.32 11.40
CA ILE B 118 32.13 16.16 10.37
C ILE B 118 33.35 16.92 10.90
N ASN B 119 33.45 17.09 12.21
CA ASN B 119 34.62 17.69 12.85
C ASN B 119 34.96 19.06 12.27
N SER B 120 33.98 19.97 12.35
CA SER B 120 34.18 21.33 11.84
C SER B 120 35.27 22.08 12.60
N GLY B 121 35.53 21.70 13.86
CA GLY B 121 36.62 22.31 14.61
C GLY B 121 37.97 22.01 13.99
N TYR B 122 38.18 20.78 13.55
CA TYR B 122 39.43 20.46 12.86
C TYR B 122 39.53 21.21 11.54
N SER B 123 38.40 21.40 10.86
CA SER B 123 38.42 22.13 9.60
C SER B 123 38.81 23.59 9.82
N LYS B 124 38.19 24.24 10.81
CA LYS B 124 38.46 25.66 11.06
C LYS B 124 39.92 25.86 11.48
N ARG B 125 40.39 25.05 12.41
CA ARG B 125 41.78 25.19 12.87
C ARG B 125 42.76 24.94 11.73
N ALA B 126 42.50 23.90 10.91
CA ALA B 126 43.45 23.56 9.85
C ALA B 126 43.50 24.65 8.79
N LEU B 127 42.36 25.25 8.47
CA LEU B 127 42.31 26.26 7.42
C LEU B 127 42.95 27.56 7.86
N MET B 128 42.56 28.07 9.03
CA MET B 128 43.14 29.31 9.56
C MET B 128 44.62 29.17 9.86
N LEU B 129 45.13 27.95 9.96
CA LEU B 129 46.55 27.71 10.19
C LEU B 129 47.40 28.13 9.00
N LEU B 130 46.83 28.24 7.81
CA LEU B 130 47.65 28.35 6.61
C LEU B 130 48.08 29.78 6.32
N HIS B 131 47.21 30.77 6.61
CA HIS B 131 47.55 32.18 6.43
C HIS B 131 46.48 33.05 7.08
N PRO B 132 46.84 34.20 7.65
CA PRO B 132 45.85 35.02 8.38
C PRO B 132 44.76 35.61 7.51
N ASN B 133 44.95 35.72 6.21
CA ASN B 133 43.87 36.20 5.35
C ASN B 133 42.77 35.17 5.19
N ILE B 134 43.01 33.92 5.59
CA ILE B 134 41.98 32.88 5.57
C ILE B 134 41.25 32.97 6.91
N LYS B 135 40.01 33.46 6.87
CA LYS B 135 39.20 33.67 8.07
C LYS B 135 38.00 32.74 8.02
N VAL B 136 37.83 31.96 9.09
CA VAL B 136 36.78 30.96 9.18
C VAL B 136 35.90 31.31 10.37
N MET B 137 34.59 31.31 10.15
CA MET B 137 33.63 31.43 11.22
C MET B 137 32.74 30.21 11.22
N ARG B 138 32.30 29.80 12.39
CA ARG B 138 31.42 28.65 12.53
C ARG B 138 30.08 29.12 13.11
N HIS B 139 29.02 28.44 12.68
CA HIS B 139 27.70 28.82 13.07
C HIS B 139 26.83 27.58 12.98
N PRO B 140 25.92 27.36 13.92
CA PRO B 140 25.68 28.23 15.07
C PRO B 140 26.35 27.77 16.36
N ASP B 141 26.41 28.68 17.33
CA ASP B 141 26.89 28.33 18.67
C ASP B 141 25.76 27.78 19.54
N GLN B 142 24.54 28.28 19.37
CA GLN B 142 23.40 27.74 20.10
C GLN B 142 23.12 26.31 19.67
N VAL B 143 22.48 25.56 20.55
CA VAL B 143 22.00 24.23 20.22
C VAL B 143 20.72 24.35 19.42
N THR B 144 20.59 23.53 18.38
CA THR B 144 19.42 23.58 17.51
C THR B 144 19.35 22.29 16.72
N LEU B 145 18.14 21.97 16.24
CA LEU B 145 17.99 20.81 15.38
C LEU B 145 18.49 21.05 13.96
N TRP B 146 18.60 22.30 13.54
CA TRP B 146 18.78 22.62 12.13
C TRP B 146 20.23 22.94 11.81
N ALA B 147 20.52 23.02 10.51
CA ALA B 147 21.89 23.10 10.03
C ALA B 147 21.98 24.10 8.89
N HIS B 148 23.20 24.60 8.68
CA HIS B 148 23.54 25.36 7.48
C HIS B 148 23.93 24.37 6.40
N HIS B 149 23.14 24.29 5.35
CA HIS B 149 23.28 23.21 4.41
C HIS B 149 23.72 23.64 3.01
N GLU B 150 23.70 24.95 2.71
CA GLU B 150 24.06 25.38 1.38
C GLU B 150 25.54 25.16 1.11
N LYS B 151 25.85 24.74 -0.11
CA LYS B 151 27.22 24.56 -0.59
C LYS B 151 27.47 25.66 -1.61
N LEU B 152 28.47 26.49 -1.35
CA LEU B 152 28.71 27.66 -2.20
C LEU B 152 30.19 27.96 -2.24
N LEU B 153 30.68 28.29 -3.43
CA LEU B 153 32.00 28.86 -3.61
C LEU B 153 31.88 30.01 -4.61
N VAL B 154 32.26 31.22 -4.20
CA VAL B 154 32.20 32.39 -5.06
C VAL B 154 33.60 32.98 -5.19
N VAL B 155 33.99 33.30 -6.42
CA VAL B 155 35.29 33.90 -6.71
C VAL B 155 35.06 35.33 -7.19
N ASP B 156 35.61 36.29 -6.45
CA ASP B 156 35.58 37.71 -6.81
C ASP B 156 34.15 38.24 -6.99
N GLN B 157 33.17 37.58 -6.38
CA GLN B 157 31.77 37.98 -6.46
C GLN B 157 31.25 37.95 -7.90
N VAL B 158 31.90 37.20 -8.80
CA VAL B 158 31.53 37.19 -10.20
C VAL B 158 31.40 35.79 -10.77
N VAL B 159 31.90 34.76 -10.09
CA VAL B 159 31.79 33.37 -10.52
C VAL B 159 31.40 32.55 -9.30
N ALA B 160 30.26 31.88 -9.36
CA ALA B 160 29.72 31.19 -8.19
C ALA B 160 29.36 29.75 -8.52
N PHE B 161 29.82 28.83 -7.66
CA PHE B 161 29.52 27.41 -7.77
C PHE B 161 28.55 27.02 -6.65
N LEU B 162 27.55 26.22 -6.99
CA LEU B 162 26.64 25.71 -5.97
C LEU B 162 26.01 24.43 -6.50
N GLY B 163 25.18 23.82 -5.66
CA GLY B 163 24.61 22.52 -5.97
C GLY B 163 24.62 21.62 -4.76
N GLY B 164 24.69 20.30 -4.97
CA GLY B 164 24.65 19.37 -3.87
C GLY B 164 25.99 18.94 -3.34
N LEU B 165 27.08 19.41 -3.94
CA LEU B 165 28.42 18.87 -3.70
C LEU B 165 29.14 19.72 -2.67
N ASP B 166 29.37 19.16 -1.48
CA ASP B 166 30.33 19.72 -0.55
C ASP B 166 31.74 19.43 -1.03
N LEU B 167 32.68 20.29 -0.64
CA LEU B 167 34.11 20.02 -0.83
C LEU B 167 34.57 19.08 0.29
N ALA B 168 34.19 17.82 0.16
CA ALA B 168 34.28 16.86 1.25
C ALA B 168 34.58 15.46 0.71
N TYR B 169 35.05 14.60 1.61
CA TYR B 169 35.36 13.22 1.24
C TYR B 169 34.12 12.49 0.76
N GLY B 170 34.35 11.54 -0.15
CA GLY B 170 33.30 10.70 -0.70
C GLY B 170 32.50 11.31 -1.83
N ARG B 171 32.66 12.61 -2.08
CA ARG B 171 31.86 13.30 -3.08
C ARG B 171 32.42 13.16 -4.49
N TRP B 172 33.74 13.07 -4.64
CA TRP B 172 34.31 13.01 -5.98
C TRP B 172 33.89 11.73 -6.67
N ASP B 173 33.33 11.85 -7.88
CA ASP B 173 33.02 10.70 -8.72
C ASP B 173 32.87 11.12 -10.17
N ASP B 174 32.81 10.14 -11.07
CA ASP B 174 32.60 10.40 -12.50
C ASP B 174 31.67 9.33 -13.07
N LEU B 175 31.53 9.32 -14.41
CA LEU B 175 30.62 8.40 -15.12
C LEU B 175 30.86 6.93 -14.78
N HIS B 176 32.08 6.56 -14.44
CA HIS B 176 32.36 5.14 -14.28
C HIS B 176 31.78 4.58 -12.98
N TYR B 177 31.55 5.43 -11.98
CA TYR B 177 31.01 5.02 -10.69
C TYR B 177 31.73 3.78 -10.16
N ARG B 178 33.06 3.90 -10.04
CA ARG B 178 33.89 2.74 -9.73
C ARG B 178 33.55 2.18 -8.35
N LEU B 179 33.38 0.87 -8.28
CA LEU B 179 33.16 0.21 -7.00
C LEU B 179 34.46 -0.09 -6.26
N THR B 180 35.60 -0.06 -6.96
CA THR B 180 36.90 -0.40 -6.39
C THR B 180 37.91 0.70 -6.69
N ASP B 181 39.04 0.63 -5.99
CA ASP B 181 40.11 1.61 -6.12
C ASP B 181 41.40 0.99 -5.59
N LEU B 182 41.95 0.05 -6.35
CA LEU B 182 43.13 -0.71 -5.96
C LEU B 182 44.41 -0.14 -6.57
N GLY B 183 44.42 0.08 -7.88
CA GLY B 183 45.59 0.63 -8.56
C GLY B 183 46.50 -0.44 -9.15
N ASP B 205 53.37 11.68 0.97
CA ASP B 205 54.01 11.70 -0.35
C ASP B 205 53.09 11.11 -1.41
N LEU B 206 52.92 11.85 -2.51
CA LEU B 206 51.96 11.49 -3.55
C LEU B 206 52.60 11.27 -4.91
N SER B 207 53.93 11.14 -4.98
CA SER B 207 54.57 10.97 -6.27
C SER B 207 54.26 9.60 -6.88
N HIS B 208 53.98 8.60 -6.05
CA HIS B 208 53.68 7.25 -6.52
C HIS B 208 52.22 6.90 -6.37
N ASN B 209 51.32 7.88 -6.51
CA ASN B 209 49.91 7.68 -6.23
C ASN B 209 49.14 7.33 -7.50
N GLN B 210 48.44 6.20 -7.47
CA GLN B 210 47.52 5.81 -8.54
C GLN B 210 46.10 5.63 -8.02
N PHE B 211 45.80 6.16 -6.85
CA PHE B 211 44.49 6.03 -6.23
C PHE B 211 43.64 7.26 -6.54
N PHE B 212 42.36 7.02 -6.88
CA PHE B 212 41.43 8.11 -7.06
C PHE B 212 40.92 8.65 -5.72
N TRP B 213 40.72 7.79 -4.73
CA TRP B 213 40.24 8.19 -3.41
C TRP B 213 41.27 7.79 -2.36
N LEU B 214 41.98 8.79 -1.81
CA LEU B 214 43.05 8.54 -0.86
C LEU B 214 42.52 8.56 0.58
N GLY B 215 42.97 7.61 1.39
CA GLY B 215 42.64 7.60 2.81
C GLY B 215 41.15 7.72 3.06
N LYS B 216 40.76 8.72 3.85
CA LYS B 216 39.37 8.89 4.26
C LYS B 216 38.42 9.20 3.10
N ASP B 217 38.95 9.45 1.90
CA ASP B 217 38.11 9.74 0.74
C ASP B 217 37.46 8.48 0.18
N TYR B 218 38.09 7.31 0.37
CA TYR B 218 37.51 6.04 0.00
C TYR B 218 36.53 5.64 1.10
N SER B 219 35.23 5.72 0.82
CA SER B 219 34.26 5.55 1.89
C SER B 219 32.99 4.88 1.37
N ASN B 220 32.20 4.41 2.32
CA ASN B 220 30.89 3.84 2.04
C ASN B 220 30.01 4.20 3.24
N LEU B 221 29.17 5.24 3.09
CA LEU B 221 28.54 5.82 4.27
C LEU B 221 27.51 4.89 4.91
N ILE B 222 26.91 3.98 4.15
CA ILE B 222 25.99 3.05 4.81
C ILE B 222 26.77 2.02 5.59
N THR B 223 27.96 1.62 5.11
CA THR B 223 28.75 0.63 5.82
C THR B 223 29.38 1.21 7.09
N LYS B 224 29.92 2.43 7.02
CA LYS B 224 30.64 2.99 8.16
C LYS B 224 30.78 4.50 8.00
N ASP B 225 30.38 5.24 9.03
CA ASP B 225 30.54 6.69 9.11
C ASP B 225 32.02 7.07 9.24
N TRP B 226 32.35 8.26 8.75
CA TRP B 226 33.72 8.77 8.85
C TRP B 226 34.13 8.91 10.31
N VAL B 227 35.36 8.47 10.60
CA VAL B 227 35.99 8.67 11.90
C VAL B 227 37.42 9.13 11.67
N GLN B 228 38.01 9.71 12.72
CA GLN B 228 39.41 10.12 12.73
C GLN B 228 39.75 11.03 11.53
N LEU B 229 39.03 12.15 11.44
CA LEU B 229 39.30 13.11 10.38
C LEU B 229 40.62 13.84 10.59
N ASP B 230 41.20 13.75 11.79
CA ASP B 230 42.53 14.30 12.05
C ASP B 230 43.59 13.61 11.20
N ARG B 231 43.37 12.36 10.81
CA ARG B 231 44.31 11.58 10.01
C ARG B 231 43.70 11.36 8.63
N PRO B 232 43.81 12.32 7.72
CA PRO B 232 43.02 12.25 6.47
C PRO B 232 43.53 11.26 5.45
N PHE B 233 44.78 10.82 5.54
CA PHE B 233 45.38 9.96 4.53
C PHE B 233 45.41 8.49 4.95
N GLU B 234 44.78 8.15 6.06
CA GLU B 234 44.65 6.76 6.49
C GLU B 234 43.25 6.23 6.16
N ASP B 235 43.19 4.95 5.83
CA ASP B 235 41.93 4.31 5.51
C ASP B 235 41.14 3.98 6.77
N PHE B 236 39.82 3.90 6.62
CA PHE B 236 38.95 3.42 7.69
C PHE B 236 38.02 2.30 7.23
N ILE B 237 38.06 1.91 5.95
CA ILE B 237 37.51 0.65 5.49
C ILE B 237 38.55 -0.01 4.59
N ASP B 238 38.41 -1.33 4.43
CA ASP B 238 39.38 -2.14 3.72
C ASP B 238 39.06 -2.20 2.23
N ARG B 239 39.95 -1.64 1.40
CA ARG B 239 39.74 -1.58 -0.04
C ARG B 239 39.61 -2.96 -0.65
N GLU B 240 40.42 -3.92 -0.20
CA GLU B 240 40.42 -5.23 -0.83
C GLU B 240 39.13 -6.00 -0.60
N THR B 241 38.32 -5.59 0.40
CA THR B 241 37.12 -6.32 0.76
C THR B 241 35.84 -5.51 0.72
N THR B 242 35.92 -4.18 0.83
CA THR B 242 34.74 -3.35 0.93
C THR B 242 34.64 -2.47 -0.30
N PRO B 243 33.60 -2.62 -1.12
CA PRO B 243 33.44 -1.75 -2.28
C PRO B 243 33.09 -0.33 -1.87
N ARG B 244 33.53 0.60 -2.70
CA ARG B 244 33.17 2.00 -2.59
C ARG B 244 31.66 2.18 -2.68
N MET B 245 31.20 3.31 -2.18
CA MET B 245 29.83 3.77 -2.39
C MET B 245 29.86 4.87 -3.45
N PRO B 246 29.39 4.62 -4.68
CA PRO B 246 29.44 5.67 -5.70
C PRO B 246 28.50 6.81 -5.35
N TRP B 247 28.86 8.00 -5.79
CA TRP B 247 28.24 9.26 -5.39
C TRP B 247 27.84 10.01 -6.65
N ARG B 248 26.53 10.19 -6.84
CA ARG B 248 26.01 10.98 -7.94
C ARG B 248 25.48 12.29 -7.40
N ASP B 249 25.78 13.39 -8.10
CA ASP B 249 25.41 14.71 -7.63
C ASP B 249 25.41 15.66 -8.81
N VAL B 250 24.79 16.83 -8.61
CA VAL B 250 24.63 17.83 -9.65
C VAL B 250 25.07 19.18 -9.12
N GLY B 251 25.89 19.88 -9.89
CA GLY B 251 26.33 21.20 -9.54
C GLY B 251 26.14 22.14 -10.72
N VAL B 252 26.44 23.42 -10.48
CA VAL B 252 26.25 24.45 -11.49
C VAL B 252 27.17 25.62 -11.16
N VAL B 253 27.64 26.30 -12.20
CA VAL B 253 28.40 27.54 -12.08
C VAL B 253 27.63 28.60 -12.85
N VAL B 254 27.46 29.77 -12.22
CA VAL B 254 26.80 30.90 -12.83
C VAL B 254 27.77 32.07 -12.76
N HIS B 255 27.65 32.98 -13.73
CA HIS B 255 28.55 34.12 -13.87
C HIS B 255 27.79 35.44 -13.76
N GLY B 256 28.47 36.47 -13.30
CA GLY B 256 27.93 37.81 -13.37
C GLY B 256 26.91 38.08 -12.30
N LEU B 257 25.80 38.70 -12.69
CA LEU B 257 24.85 39.22 -11.70
C LEU B 257 24.35 38.18 -10.71
N PRO B 258 23.98 36.97 -11.10
CA PRO B 258 23.55 35.99 -10.08
C PRO B 258 24.71 35.48 -9.24
N ALA B 259 25.95 35.53 -9.74
CA ALA B 259 27.09 35.31 -8.87
C ALA B 259 27.19 36.39 -7.81
N ARG B 260 26.98 37.65 -8.22
CA ARG B 260 26.94 38.76 -7.26
C ARG B 260 25.80 38.61 -6.26
N ASP B 261 24.66 38.06 -6.70
CA ASP B 261 23.55 37.83 -5.78
C ASP B 261 23.90 36.75 -4.76
N LEU B 262 24.56 35.68 -5.23
CA LEU B 262 25.02 34.64 -4.31
C LEU B 262 26.11 35.15 -3.38
N ALA B 263 27.06 35.90 -3.92
CA ALA B 263 28.05 36.56 -3.06
C ALA B 263 27.37 37.42 -2.01
N ARG B 264 26.23 38.02 -2.36
CA ARG B 264 25.52 38.86 -1.39
C ARG B 264 24.92 38.01 -0.28
N HIS B 265 24.41 36.82 -0.61
CA HIS B 265 23.91 35.93 0.43
C HIS B 265 25.02 35.57 1.43
N PHE B 266 26.22 35.28 0.91
CA PHE B 266 27.35 35.03 1.78
C PHE B 266 27.63 36.24 2.68
N ILE B 267 27.66 37.45 2.10
CA ILE B 267 28.01 38.64 2.87
C ILE B 267 27.00 38.89 3.98
N GLN B 268 25.71 38.76 3.67
CA GLN B 268 24.67 38.91 4.70
C GLN B 268 24.88 37.89 5.82
N ARG B 269 25.07 36.62 5.47
CA ARG B 269 25.32 35.60 6.48
C ARG B 269 26.61 35.89 7.24
N TRP B 270 27.64 36.35 6.53
CA TRP B 270 28.91 36.64 7.18
C TRP B 270 28.76 37.78 8.20
N ASN B 271 28.18 38.91 7.78
CA ASN B 271 28.03 40.03 8.71
C ASN B 271 27.05 39.70 9.83
N PHE B 272 26.07 38.84 9.57
CA PHE B 272 25.13 38.44 10.61
C PHE B 272 25.81 37.54 11.63
N THR B 273 26.67 36.63 11.17
CA THR B 273 27.41 35.77 12.08
C THR B 273 28.35 36.57 12.97
N LYS B 274 28.77 37.75 12.53
CA LYS B 274 29.61 38.60 13.36
C LYS B 274 28.87 39.06 14.61
N THR B 275 27.61 39.45 14.47
CA THR B 275 26.80 39.96 15.56
C THR B 275 26.56 38.93 16.66
N THR B 276 26.96 37.67 16.43
CA THR B 276 26.50 36.57 17.25
C THR B 276 27.48 36.08 18.31
N LYS B 277 28.75 36.49 18.27
CA LYS B 277 29.67 36.03 19.30
C LYS B 277 30.80 37.05 19.44
N ALA B 278 31.19 37.32 20.69
CA ALA B 278 32.04 38.49 20.97
C ALA B 278 33.39 38.38 20.28
N LYS B 279 33.93 37.16 20.16
CA LYS B 279 35.18 37.00 19.42
C LYS B 279 35.01 37.37 17.96
N TYR B 280 33.84 37.11 17.39
CA TYR B 280 33.60 37.46 15.98
C TYR B 280 33.41 38.96 15.80
N LYS B 281 32.86 39.65 16.80
CA LYS B 281 32.66 41.09 16.70
C LYS B 281 33.97 41.87 16.68
N THR B 282 35.10 41.26 17.06
CA THR B 282 36.37 41.93 17.07
C THR B 282 36.84 42.20 15.64
N PRO B 283 37.74 43.18 15.46
CA PRO B 283 38.18 43.53 14.09
C PRO B 283 39.02 42.47 13.41
N THR B 284 39.40 41.39 14.10
CA THR B 284 40.18 40.33 13.44
C THR B 284 39.40 39.75 12.26
N TYR B 285 38.10 39.58 12.40
CA TYR B 285 37.24 39.28 11.27
C TYR B 285 36.75 40.58 10.67
N PRO B 286 37.02 40.87 9.41
CA PRO B 286 36.56 42.12 8.82
C PRO B 286 35.16 41.99 8.23
N TYR B 287 34.53 43.15 8.05
CA TYR B 287 33.23 43.19 7.41
C TYR B 287 33.37 43.05 5.91
N LEU B 288 32.49 42.26 5.33
CA LEU B 288 32.43 42.09 3.88
C LEU B 288 31.37 43.00 3.29
N LEU B 289 31.63 43.45 2.06
CA LEU B 289 30.70 44.33 1.38
C LEU B 289 30.54 43.87 -0.07
N PRO B 290 29.34 44.02 -0.63
CA PRO B 290 29.14 43.66 -2.04
C PRO B 290 29.55 44.80 -2.95
N LYS B 291 29.94 44.43 -4.16
CA LYS B 291 30.13 45.43 -5.20
C LYS B 291 28.80 45.72 -5.88
N SER B 292 28.74 46.86 -6.56
CA SER B 292 27.51 47.26 -7.24
C SER B 292 27.05 46.17 -8.21
N THR B 293 25.74 45.96 -8.25
CA THR B 293 25.14 44.94 -9.11
C THR B 293 25.41 45.22 -10.59
N THR B 302 36.67 36.82 -16.27
CA THR B 302 36.83 35.42 -15.87
C THR B 302 35.61 34.59 -16.25
N LEU B 303 35.77 33.71 -17.22
CA LEU B 303 34.72 32.79 -17.66
C LEU B 303 35.24 31.40 -17.75
N PRO B 304 34.68 30.41 -17.03
CA PRO B 304 34.65 29.03 -17.54
C PRO B 304 33.88 28.88 -18.84
N GLY B 305 32.75 29.55 -18.97
CA GLY B 305 31.84 29.39 -20.10
C GLY B 305 30.58 28.63 -19.70
N GLY B 306 29.74 28.38 -20.72
CA GLY B 306 28.51 27.61 -20.56
C GLY B 306 27.44 28.09 -21.58
N GLN B 307 26.20 28.16 -21.10
CA GLN B 307 25.04 28.45 -21.92
C GLN B 307 24.32 29.70 -21.42
N CYS B 308 23.84 30.52 -22.36
CA CYS B 308 23.15 31.77 -22.02
C CYS B 308 21.71 31.51 -21.58
N THR B 309 21.37 31.97 -20.38
CA THR B 309 20.12 31.58 -19.71
C THR B 309 19.63 32.73 -18.84
N THR B 310 18.43 32.57 -18.30
CA THR B 310 17.94 33.46 -17.23
C THR B 310 18.06 32.70 -15.92
N VAL B 311 18.69 33.33 -14.93
CA VAL B 311 19.02 32.68 -13.67
C VAL B 311 18.50 33.53 -12.53
N GLN B 312 17.77 32.89 -11.61
CA GLN B 312 17.33 33.54 -10.40
C GLN B 312 17.86 32.77 -9.20
N VAL B 313 18.50 33.48 -8.28
CA VAL B 313 18.94 32.85 -7.04
C VAL B 313 17.77 32.74 -6.08
N LEU B 314 17.72 31.62 -5.36
CA LEU B 314 16.65 31.28 -4.42
C LEU B 314 17.28 30.76 -3.14
N ARG B 315 16.57 30.89 -2.02
CA ARG B 315 17.15 30.39 -0.79
C ARG B 315 16.08 30.03 0.24
N SER B 316 16.50 29.23 1.21
CA SER B 316 15.77 28.99 2.45
C SER B 316 16.60 29.57 3.58
N VAL B 317 16.09 30.60 4.25
CA VAL B 317 16.74 31.13 5.45
C VAL B 317 15.69 31.51 6.48
N ASP B 318 16.15 31.66 7.71
CA ASP B 318 15.32 31.99 8.86
C ASP B 318 16.05 33.04 9.69
N ARG B 319 15.34 33.59 10.68
CA ARG B 319 15.96 34.49 11.64
C ARG B 319 17.17 33.87 12.31
N TRP B 320 17.18 32.54 12.54
CA TRP B 320 18.31 31.98 13.27
C TRP B 320 19.55 31.86 12.39
N SER B 321 19.37 31.54 11.11
CA SER B 321 20.44 31.27 10.16
C SER B 321 20.92 32.54 9.48
N ALA B 322 19.99 33.38 9.05
CA ALA B 322 20.30 34.70 8.53
C ALA B 322 19.62 35.70 9.44
N GLY B 323 19.29 36.89 8.95
CA GLY B 323 18.48 37.78 9.75
C GLY B 323 17.03 37.87 9.33
N THR B 324 16.55 36.93 8.52
CA THR B 324 15.29 37.13 7.82
C THR B 324 14.73 35.79 7.39
N LEU B 325 13.43 35.78 7.08
CA LEU B 325 12.75 34.55 6.69
C LEU B 325 12.53 34.55 5.19
N GLU B 326 12.92 33.46 4.53
CA GLU B 326 12.69 33.31 3.11
C GLU B 326 12.54 31.83 2.79
N ASN B 327 11.58 31.52 1.93
CA ASN B 327 11.40 30.16 1.46
C ASN B 327 11.10 30.18 -0.04
N SER B 328 11.98 30.84 -0.81
CA SER B 328 11.78 30.99 -2.24
C SER B 328 12.12 29.75 -3.04
N ILE B 329 12.94 28.85 -2.49
CA ILE B 329 13.17 27.58 -3.19
C ILE B 329 11.86 26.81 -3.26
N LEU B 330 11.17 26.68 -2.12
CA LEU B 330 9.86 26.03 -2.10
C LEU B 330 8.89 26.70 -3.07
N ASN B 331 8.79 28.03 -3.01
CA ASN B 331 7.87 28.72 -3.91
C ASN B 331 8.20 28.43 -5.37
N ALA B 332 9.49 28.45 -5.73
CA ALA B 332 9.84 28.15 -7.12
C ALA B 332 9.50 26.71 -7.48
N TYR B 333 9.73 25.79 -6.55
CA TYR B 333 9.39 24.39 -6.80
C TYR B 333 7.91 24.23 -7.09
N LEU B 334 7.07 24.83 -6.23
CA LEU B 334 5.63 24.71 -6.40
C LEU B 334 5.18 25.31 -7.71
N HIS B 335 5.67 26.52 -8.03
CA HIS B 335 5.27 27.20 -9.26
C HIS B 335 5.75 26.45 -10.49
N THR B 336 6.95 25.89 -10.44
CA THR B 336 7.49 25.19 -11.61
C THR B 336 6.69 23.94 -11.91
N ILE B 337 6.31 23.21 -10.86
CA ILE B 337 5.46 22.03 -11.02
C ILE B 337 4.10 22.43 -11.56
N ARG B 338 3.50 23.46 -10.96
CA ARG B 338 2.15 23.84 -11.32
C ARG B 338 2.05 24.29 -12.77
N GLU B 339 3.10 24.90 -13.31
CA GLU B 339 3.08 25.42 -14.66
C GLU B 339 3.70 24.47 -15.68
N SER B 340 4.25 23.33 -15.24
CA SER B 340 4.84 22.39 -16.18
C SER B 340 3.77 21.84 -17.10
N GLN B 341 4.15 21.58 -18.35
CA GLN B 341 3.20 21.19 -19.37
C GLN B 341 3.42 19.79 -19.91
N HIS B 342 4.58 19.19 -19.67
CA HIS B 342 4.94 17.98 -20.39
C HIS B 342 5.54 16.93 -19.47
N PHE B 343 6.52 17.33 -18.64
CA PHE B 343 7.16 16.34 -17.78
C PHE B 343 7.98 17.02 -16.70
N LEU B 344 8.14 16.28 -15.59
CA LEU B 344 9.08 16.61 -14.55
C LEU B 344 10.14 15.52 -14.48
N TYR B 345 11.38 15.92 -14.27
CA TYR B 345 12.47 15.01 -13.93
C TYR B 345 13.01 15.45 -12.59
N ILE B 346 12.86 14.60 -11.59
CA ILE B 346 13.27 14.92 -10.23
C ILE B 346 14.34 13.93 -9.82
N GLU B 347 15.51 14.45 -9.48
CA GLU B 347 16.58 13.67 -8.90
C GLU B 347 16.85 14.30 -7.54
N ASN B 348 16.59 13.57 -6.46
CA ASN B 348 16.74 14.18 -5.13
C ASN B 348 17.10 13.12 -4.10
N GLN B 349 17.92 13.53 -3.14
CA GLN B 349 18.31 12.64 -2.06
C GLN B 349 17.11 12.23 -1.19
N PHE B 350 16.12 13.11 -1.06
CA PHE B 350 14.97 12.82 -0.23
C PHE B 350 13.70 13.15 -1.00
N PHE B 351 12.63 12.47 -0.62
CA PHE B 351 11.32 12.73 -1.21
C PHE B 351 10.33 12.58 -0.07
N ILE B 352 10.25 13.61 0.77
CA ILE B 352 9.36 13.61 1.94
C ILE B 352 8.40 14.78 1.81
N SER B 353 7.14 14.48 1.50
CA SER B 353 6.17 15.53 1.19
C SER B 353 4.76 14.98 1.40
N CYS B 354 3.77 15.62 0.75
CA CYS B 354 2.34 15.35 0.88
C CYS B 354 1.85 15.75 2.26
N SER B 355 1.36 16.99 2.35
CA SER B 355 1.08 17.61 3.63
C SER B 355 -0.14 17.01 4.29
N ASP B 356 -0.02 16.77 5.60
CA ASP B 356 -1.15 16.44 6.45
C ASP B 356 -1.45 17.56 7.43
N GLY B 357 -0.77 18.70 7.32
CA GLY B 357 -0.91 19.80 8.24
C GLY B 357 -0.22 19.62 9.57
N ARG B 358 0.24 18.41 9.91
CA ARG B 358 0.82 18.14 11.22
C ARG B 358 2.28 17.71 11.10
N THR B 359 2.55 16.49 10.64
CA THR B 359 3.92 15.98 10.64
C THR B 359 4.71 16.46 9.42
N VAL B 360 4.10 16.45 8.24
CA VAL B 360 4.75 16.90 7.01
C VAL B 360 3.97 18.08 6.46
N LEU B 361 4.68 19.16 6.12
CA LEU B 361 4.04 20.43 5.77
C LEU B 361 4.21 20.84 4.32
N ASN B 362 5.38 20.64 3.71
CA ASN B 362 5.56 21.14 2.35
C ASN B 362 4.61 20.42 1.39
N LYS B 363 4.22 21.14 0.35
CA LYS B 363 3.15 20.71 -0.55
C LYS B 363 3.68 20.21 -1.90
N VAL B 364 4.97 19.89 -1.99
CA VAL B 364 5.55 19.55 -3.29
C VAL B 364 4.85 18.33 -3.88
N GLY B 365 4.71 17.27 -3.11
CA GLY B 365 4.03 16.09 -3.61
C GLY B 365 2.58 16.36 -3.96
N ASP B 366 1.93 17.25 -3.21
CA ASP B 366 0.54 17.59 -3.51
C ASP B 366 0.42 18.28 -4.86
N GLU B 367 1.35 19.18 -5.18
CA GLU B 367 1.33 19.83 -6.49
C GLU B 367 1.55 18.82 -7.60
N ILE B 368 2.39 17.82 -7.37
CA ILE B 368 2.61 16.78 -8.37
C ILE B 368 1.36 15.95 -8.58
N VAL B 369 0.71 15.53 -7.49
CA VAL B 369 -0.55 14.80 -7.62
C VAL B 369 -1.55 15.65 -8.39
N ASP B 370 -1.64 16.94 -8.06
CA ASP B 370 -2.61 17.80 -8.74
C ASP B 370 -2.26 17.95 -10.22
N ARG B 371 -0.98 18.05 -10.56
CA ARG B 371 -0.61 18.17 -11.97
C ARG B 371 -0.96 16.90 -12.74
N ILE B 372 -0.71 15.73 -12.14
CA ILE B 372 -1.00 14.46 -12.80
C ILE B 372 -2.50 14.29 -12.98
N LEU B 373 -3.30 14.61 -11.95
CA LEU B 373 -4.75 14.51 -12.09
C LEU B 373 -5.26 15.42 -13.19
N LYS B 374 -4.75 16.64 -13.27
CA LYS B 374 -5.20 17.54 -14.33
C LYS B 374 -4.82 16.99 -15.70
N ALA B 375 -3.59 16.49 -15.85
CA ALA B 375 -3.18 15.94 -17.13
C ALA B 375 -4.08 14.79 -17.55
N HIS B 376 -4.45 13.92 -16.59
CA HIS B 376 -5.30 12.78 -16.90
C HIS B 376 -6.72 13.22 -17.24
N LYS B 377 -7.27 14.18 -16.50
CA LYS B 377 -8.63 14.60 -16.78
C LYS B 377 -8.72 15.34 -18.11
N GLN B 378 -7.64 15.99 -18.54
CA GLN B 378 -7.65 16.68 -19.82
C GLN B 378 -7.03 15.86 -20.95
N GLY B 379 -6.39 14.73 -20.63
CA GLY B 379 -5.91 13.85 -21.68
C GLY B 379 -4.54 14.17 -22.23
N TRP B 380 -3.76 15.03 -21.58
CA TRP B 380 -2.44 15.35 -22.10
C TRP B 380 -1.41 14.29 -21.71
N CYS B 381 -0.40 14.16 -22.55
CA CYS B 381 0.74 13.31 -22.23
C CYS B 381 1.56 14.03 -21.15
N TYR B 382 1.77 13.37 -20.02
CA TYR B 382 2.49 13.97 -18.91
C TYR B 382 3.27 12.88 -18.17
N ARG B 383 4.56 13.12 -17.91
CA ARG B 383 5.37 12.12 -17.22
C ARG B 383 6.14 12.75 -16.06
N VAL B 384 6.20 12.03 -14.95
CA VAL B 384 7.00 12.42 -13.81
C VAL B 384 8.02 11.31 -13.56
N TYR B 385 9.30 11.63 -13.72
CA TYR B 385 10.41 10.72 -13.43
C TYR B 385 10.97 11.10 -12.06
N VAL B 386 11.05 10.14 -11.16
CA VAL B 386 11.62 10.37 -9.83
C VAL B 386 12.78 9.41 -9.63
N LEU B 387 13.95 9.96 -9.33
CA LEU B 387 15.14 9.19 -9.08
C LEU B 387 15.59 9.46 -7.65
N LEU B 388 15.70 8.41 -6.85
CA LEU B 388 16.00 8.49 -5.43
C LEU B 388 17.04 7.45 -5.08
N PRO B 389 17.88 7.71 -4.08
CA PRO B 389 18.81 6.66 -3.62
C PRO B 389 18.02 5.47 -3.10
N LEU B 390 18.49 4.26 -3.41
CA LEU B 390 17.76 3.07 -3.00
C LEU B 390 17.69 2.95 -1.49
N LEU B 391 18.66 3.51 -0.78
CA LEU B 391 18.65 3.58 0.67
C LEU B 391 19.11 4.95 1.11
N PRO B 392 18.64 5.42 2.26
CA PRO B 392 19.12 6.69 2.81
C PRO B 392 20.58 6.57 3.25
N GLY B 393 21.29 7.69 3.15
CA GLY B 393 22.69 7.74 3.45
C GLY B 393 23.02 7.84 4.93
N PHE B 394 22.76 6.76 5.67
CA PHE B 394 23.06 6.68 7.08
C PHE B 394 23.74 5.34 7.37
N GLU B 395 24.68 5.37 8.30
CA GLU B 395 25.35 4.14 8.71
C GLU B 395 24.33 3.17 9.28
N GLY B 396 24.25 1.98 8.69
CA GLY B 396 23.31 0.99 9.15
C GLY B 396 23.44 -0.33 8.43
N ASP B 397 23.20 -1.42 9.14
CA ASP B 397 23.26 -2.76 8.55
C ASP B 397 21.90 -3.04 7.92
N ILE B 398 21.79 -2.79 6.62
CA ILE B 398 20.51 -3.00 5.94
C ILE B 398 20.13 -4.46 5.96
N SER B 399 21.11 -5.36 6.05
CA SER B 399 20.81 -6.78 6.16
C SER B 399 20.07 -7.09 7.45
N THR B 400 20.30 -6.28 8.49
CA THR B 400 19.53 -6.34 9.73
C THR B 400 18.23 -5.56 9.64
N GLY B 401 17.97 -4.94 8.49
CA GLY B 401 16.84 -4.06 8.32
C GLY B 401 17.16 -2.59 8.42
N GLY B 402 18.44 -2.23 8.45
CA GLY B 402 18.84 -0.85 8.64
C GLY B 402 18.65 -0.39 10.08
N GLY B 403 19.38 0.66 10.43
CA GLY B 403 19.25 1.22 11.75
C GLY B 403 17.90 1.89 11.95
N ASN B 404 17.75 2.52 13.11
CA ASN B 404 16.54 3.30 13.38
C ASN B 404 16.49 4.54 12.49
N SER B 405 17.64 5.07 12.09
CA SER B 405 17.64 6.24 11.22
C SER B 405 17.16 5.89 9.82
N ILE B 406 17.68 4.79 9.26
CA ILE B 406 17.28 4.38 7.92
C ILE B 406 15.80 4.09 7.88
N GLN B 407 15.28 3.43 8.92
CA GLN B 407 13.87 3.08 8.95
C GLN B 407 12.98 4.32 9.07
N ALA B 408 13.41 5.30 9.87
CA ALA B 408 12.67 6.54 9.99
C ALA B 408 12.51 7.22 8.62
N ILE B 409 13.61 7.32 7.87
CA ILE B 409 13.52 7.95 6.56
C ILE B 409 12.67 7.10 5.62
N LEU B 410 12.83 5.78 5.66
CA LEU B 410 12.02 4.91 4.81
C LEU B 410 10.54 5.15 5.04
N HIS B 411 10.13 5.26 6.31
CA HIS B 411 8.74 5.49 6.63
C HIS B 411 8.21 6.73 5.91
N PHE B 412 8.89 7.87 6.06
CA PHE B 412 8.40 9.10 5.46
C PHE B 412 8.54 9.07 3.94
N THR B 413 9.56 8.37 3.42
CA THR B 413 9.68 8.19 1.98
C THR B 413 8.48 7.43 1.43
N TYR B 414 8.18 6.26 2.00
CA TYR B 414 7.07 5.47 1.49
C TYR B 414 5.73 6.14 1.77
N ARG B 415 5.64 6.91 2.86
CA ARG B 415 4.43 7.70 3.12
C ARG B 415 4.16 8.69 1.99
N THR B 416 5.23 9.29 1.43
CA THR B 416 5.05 10.15 0.28
C THR B 416 4.68 9.33 -0.96
N LEU B 417 5.29 8.17 -1.12
CA LEU B 417 5.24 7.48 -2.41
C LEU B 417 3.97 6.66 -2.57
N CYS B 418 3.71 5.72 -1.65
CA CYS B 418 2.67 4.73 -1.91
C CYS B 418 1.97 4.20 -0.68
N ARG B 419 2.25 4.69 0.52
CA ARG B 419 1.69 4.08 1.73
C ARG B 419 0.87 5.10 2.51
N GLY B 420 -0.43 4.92 2.52
CA GLY B 420 -1.32 5.75 3.30
C GLY B 420 -2.14 6.71 2.44
N GLU B 421 -3.13 7.30 3.11
CA GLU B 421 -4.11 8.21 2.50
C GLU B 421 -3.48 9.40 1.81
N TYR B 422 -2.30 9.82 2.25
CA TYR B 422 -1.67 11.02 1.70
C TYR B 422 -0.77 10.74 0.51
N SER B 423 -0.36 9.48 0.34
CA SER B 423 0.69 9.15 -0.62
C SER B 423 0.23 9.46 -2.03
N ILE B 424 1.23 9.70 -2.90
CA ILE B 424 0.95 10.01 -4.29
C ILE B 424 0.20 8.85 -4.94
N LEU B 425 0.72 7.62 -4.79
CA LEU B 425 0.14 6.48 -5.50
C LEU B 425 -1.27 6.18 -5.03
N HIS B 426 -1.53 6.28 -3.72
CA HIS B 426 -2.88 6.05 -3.24
C HIS B 426 -3.83 7.06 -3.84
N ARG B 427 -3.42 8.32 -3.93
CA ARG B 427 -4.32 9.34 -4.48
C ARG B 427 -4.48 9.17 -5.99
N LEU B 428 -3.42 8.81 -6.70
CA LEU B 428 -3.54 8.56 -8.14
C LEU B 428 -4.45 7.36 -8.42
N LYS B 429 -4.23 6.24 -7.72
CA LYS B 429 -5.04 5.06 -7.94
C LYS B 429 -6.50 5.34 -7.70
N ALA B 430 -6.80 6.17 -6.71
CA ALA B 430 -8.20 6.50 -6.42
C ALA B 430 -8.88 7.15 -7.63
N ALA B 431 -8.14 7.97 -8.39
CA ALA B 431 -8.64 8.72 -9.54
C ALA B 431 -8.62 7.96 -10.85
N MET B 432 -7.61 7.12 -11.08
CA MET B 432 -7.43 6.54 -12.40
C MET B 432 -7.05 5.06 -12.35
N GLY B 433 -7.12 4.43 -11.17
CA GLY B 433 -6.81 3.01 -11.08
C GLY B 433 -5.37 2.74 -11.44
N THR B 434 -5.16 1.68 -12.25
CA THR B 434 -3.82 1.28 -12.64
C THR B 434 -3.19 2.21 -13.67
N ALA B 435 -3.95 3.14 -14.23
CA ALA B 435 -3.42 4.13 -15.16
C ALA B 435 -2.36 5.04 -14.54
N TRP B 436 -2.18 5.01 -13.22
CA TRP B 436 -1.14 5.84 -12.60
C TRP B 436 0.23 5.54 -13.18
N ARG B 437 0.46 4.29 -13.61
CA ARG B 437 1.75 3.91 -14.19
C ARG B 437 2.04 4.63 -15.51
N ASP B 438 1.03 5.23 -16.14
CA ASP B 438 1.27 6.05 -17.33
C ASP B 438 1.83 7.42 -17.01
N TYR B 439 1.81 7.84 -15.75
CA TYR B 439 2.19 9.21 -15.41
C TYR B 439 3.40 9.34 -14.52
N ILE B 440 3.79 8.31 -13.77
CA ILE B 440 4.89 8.47 -12.83
C ILE B 440 5.70 7.19 -12.75
N SER B 441 7.02 7.36 -12.70
CA SER B 441 7.96 6.26 -12.52
C SER B 441 8.96 6.63 -11.43
N ILE B 442 9.14 5.75 -10.47
CA ILE B 442 10.06 6.00 -9.35
C ILE B 442 11.18 4.99 -9.43
N CYS B 443 12.41 5.48 -9.55
CA CYS B 443 13.54 4.61 -9.79
C CYS B 443 14.70 4.96 -8.86
N GLY B 444 15.68 4.06 -8.84
CA GLY B 444 16.94 4.29 -8.20
C GLY B 444 18.04 3.85 -9.14
N LEU B 445 19.28 3.82 -8.65
CA LEU B 445 20.44 3.47 -9.47
C LEU B 445 21.28 2.44 -8.75
N ARG B 446 21.87 1.55 -9.55
CA ARG B 446 22.70 0.49 -9.02
C ARG B 446 23.75 0.16 -10.07
N THR B 447 24.89 -0.35 -9.63
CA THR B 447 25.95 -0.72 -10.54
C THR B 447 26.63 -1.97 -10.01
N HIS B 448 27.58 -2.48 -10.78
CA HIS B 448 28.29 -3.70 -10.40
C HIS B 448 29.75 -3.58 -10.79
N GLY B 449 30.57 -4.39 -10.14
CA GLY B 449 31.98 -4.46 -10.43
C GLY B 449 32.54 -5.79 -10.00
N GLU B 450 33.85 -5.82 -9.78
CA GLU B 450 34.55 -7.04 -9.40
C GLU B 450 35.53 -6.73 -8.29
N LEU B 451 35.43 -7.49 -7.19
CA LEU B 451 36.31 -7.30 -6.05
C LEU B 451 36.50 -8.64 -5.37
N GLY B 452 37.76 -8.99 -5.11
CA GLY B 452 38.05 -10.29 -4.54
C GLY B 452 37.87 -11.45 -5.51
N GLY B 453 37.86 -11.15 -6.81
CA GLY B 453 37.69 -12.18 -7.82
C GLY B 453 36.27 -12.60 -8.08
N HIS B 454 35.28 -11.79 -7.70
CA HIS B 454 33.88 -12.14 -7.88
C HIS B 454 33.08 -10.86 -8.06
N PRO B 455 31.90 -10.95 -8.68
CA PRO B 455 31.10 -9.73 -8.87
C PRO B 455 30.58 -9.20 -7.55
N VAL B 456 30.54 -7.87 -7.44
CA VAL B 456 29.97 -7.18 -6.30
C VAL B 456 29.03 -6.11 -6.84
N SER B 457 28.14 -5.63 -5.97
CA SER B 457 27.18 -4.63 -6.38
C SER B 457 26.99 -3.60 -5.27
N GLU B 458 26.75 -2.36 -5.66
CA GLU B 458 26.38 -1.34 -4.70
C GLU B 458 25.44 -0.35 -5.38
N LEU B 459 24.53 0.20 -4.58
CA LEU B 459 23.69 1.27 -5.12
C LEU B 459 24.54 2.50 -5.40
N ILE B 460 24.08 3.30 -6.35
CA ILE B 460 24.71 4.59 -6.63
C ILE B 460 23.95 5.63 -5.81
N TYR B 461 24.66 6.29 -4.90
CA TYR B 461 23.98 7.18 -3.96
C TYR B 461 23.60 8.47 -4.67
N ILE B 462 22.30 8.69 -4.86
CA ILE B 462 21.82 9.87 -5.55
C ILE B 462 21.79 11.01 -4.52
N HIS B 463 22.80 11.85 -4.56
CA HIS B 463 22.84 13.01 -3.68
C HIS B 463 22.35 14.28 -4.34
N SER B 464 22.09 14.24 -5.64
CA SER B 464 21.62 15.39 -6.41
C SER B 464 20.41 16.02 -5.74
N LYS B 465 20.17 17.29 -6.08
CA LYS B 465 18.93 18.02 -5.74
C LYS B 465 18.54 18.85 -6.97
N VAL B 466 18.05 18.18 -8.00
CA VAL B 466 17.77 18.86 -9.26
C VAL B 466 16.33 18.56 -9.68
N LEU B 467 15.71 19.53 -10.36
CA LEU B 467 14.41 19.38 -11.00
C LEU B 467 14.51 19.93 -12.41
N ILE B 468 14.02 19.16 -13.38
CA ILE B 468 13.94 19.61 -14.77
C ILE B 468 12.47 19.58 -15.18
N ALA B 469 12.01 20.66 -15.80
CA ALA B 469 10.64 20.75 -16.29
C ALA B 469 10.66 21.05 -17.78
N ASP B 470 9.95 20.24 -18.56
CA ASP B 470 9.62 20.51 -19.96
C ASP B 470 10.83 20.75 -20.84
N ASP B 471 12.01 20.25 -20.46
CA ASP B 471 13.23 20.48 -21.24
C ASP B 471 13.48 21.98 -21.41
N ARG B 472 13.01 22.78 -20.47
CA ARG B 472 13.16 24.24 -20.53
C ARG B 472 13.57 24.88 -19.22
N THR B 473 13.28 24.28 -18.06
CA THR B 473 13.51 24.90 -16.78
C THR B 473 14.24 23.92 -15.88
N VAL B 474 15.23 24.43 -15.14
CA VAL B 474 16.03 23.62 -14.22
C VAL B 474 16.11 24.34 -12.89
N ILE B 475 15.97 23.58 -11.80
CA ILE B 475 16.33 24.05 -10.47
C ILE B 475 17.47 23.18 -9.97
N ILE B 476 18.60 23.80 -9.62
CA ILE B 476 19.73 23.09 -9.03
C ILE B 476 20.07 23.77 -7.71
N GLY B 477 20.22 22.99 -6.66
CA GLY B 477 20.64 23.57 -5.40
C GLY B 477 21.02 22.54 -4.37
N SER B 478 21.06 23.00 -3.13
CA SER B 478 21.34 22.17 -1.97
C SER B 478 20.08 21.62 -1.32
N ALA B 479 18.90 22.02 -1.79
CA ALA B 479 17.65 21.76 -1.06
C ALA B 479 17.08 20.38 -1.41
N ASN B 480 16.95 19.53 -0.39
CA ASN B 480 16.23 18.27 -0.53
C ASN B 480 14.73 18.54 -0.55
N ILE B 481 13.97 17.56 -1.05
CA ILE B 481 12.50 17.65 -0.96
C ILE B 481 12.14 17.06 0.40
N ASN B 482 12.14 17.92 1.41
CA ASN B 482 11.62 17.62 2.73
C ASN B 482 11.35 18.96 3.40
N ASP B 483 10.69 18.91 4.55
CA ASP B 483 10.39 20.15 5.26
C ASP B 483 11.67 20.83 5.72
N ARG B 484 12.68 20.05 6.11
CA ARG B 484 13.91 20.60 6.66
C ARG B 484 14.57 21.58 5.69
N SER B 485 14.59 21.23 4.40
CA SER B 485 15.20 22.07 3.37
C SER B 485 14.29 23.15 2.82
N LEU B 486 12.97 22.93 2.80
CA LEU B 486 12.08 23.80 2.03
C LEU B 486 11.33 24.83 2.86
N LEU B 487 11.12 24.58 4.16
CA LEU B 487 10.30 25.52 4.91
C LEU B 487 11.00 26.85 5.17
N GLY B 488 12.32 26.91 5.01
CA GLY B 488 13.05 28.14 5.28
C GLY B 488 13.35 28.32 6.75
N LYS B 489 12.34 28.05 7.59
CA LYS B 489 12.49 28.15 9.03
C LYS B 489 13.49 27.17 9.60
N ARG B 490 13.92 26.16 8.82
CA ARG B 490 14.80 25.15 9.41
C ARG B 490 16.21 25.25 8.85
N ASP B 491 16.62 24.29 8.02
CA ASP B 491 17.95 24.37 7.44
C ASP B 491 18.04 25.54 6.45
N SER B 492 19.20 26.18 6.40
CA SER B 492 19.47 27.16 5.36
C SER B 492 19.94 26.45 4.08
N GLU B 493 19.41 26.88 2.93
CA GLU B 493 19.65 26.24 1.64
C GLU B 493 19.75 27.31 0.56
N LEU B 494 20.38 26.95 -0.55
CA LEU B 494 20.51 27.81 -1.72
C LEU B 494 20.08 27.05 -2.97
N ALA B 495 19.54 27.79 -3.95
CA ALA B 495 19.26 27.18 -5.24
C ALA B 495 19.29 28.25 -6.33
N VAL B 496 19.38 27.79 -7.57
CA VAL B 496 19.18 28.66 -8.73
C VAL B 496 18.10 28.05 -9.59
N LEU B 497 17.22 28.91 -10.08
CA LEU B 497 16.22 28.57 -11.07
C LEU B 497 16.76 29.04 -12.42
N ILE B 498 16.94 28.11 -13.35
CA ILE B 498 17.61 28.39 -14.63
C ILE B 498 16.60 28.19 -15.73
N GLU B 499 16.24 29.28 -16.42
CA GLU B 499 15.24 29.25 -17.48
C GLU B 499 15.91 29.52 -18.82
N ASP B 500 15.62 28.68 -19.80
CA ASP B 500 16.27 28.81 -21.10
C ASP B 500 15.62 29.93 -21.90
N THR B 501 16.45 30.79 -22.49
CA THR B 501 15.96 31.74 -23.47
C THR B 501 16.46 31.44 -24.88
N GLU B 502 17.31 30.43 -25.05
CA GLU B 502 17.72 29.97 -26.36
C GLU B 502 17.34 28.49 -26.49
N THR B 503 16.86 28.11 -27.66
CA THR B 503 16.27 26.82 -27.88
C THR B 503 16.93 26.13 -29.07
N GLU B 504 16.62 24.85 -29.22
CA GLU B 504 17.04 24.09 -30.38
C GLU B 504 15.93 23.09 -30.70
N PRO B 505 15.86 22.61 -31.94
CA PRO B 505 14.76 21.70 -32.31
C PRO B 505 14.86 20.39 -31.56
N SER B 506 13.76 19.95 -30.98
CA SER B 506 13.68 18.66 -30.33
C SER B 506 12.28 18.10 -30.56
N LEU B 507 11.89 17.11 -29.77
CA LEU B 507 10.59 16.46 -29.89
C LEU B 507 9.91 16.42 -28.54
N MET B 508 8.58 16.44 -28.56
CA MET B 508 7.79 16.31 -27.33
C MET B 508 6.50 15.56 -27.69
N ASN B 509 6.43 14.29 -27.27
CA ASN B 509 5.37 13.37 -27.70
C ASN B 509 5.16 13.42 -29.21
N GLY B 510 6.25 13.29 -29.95
CA GLY B 510 6.19 13.20 -31.40
C GLY B 510 6.10 14.52 -32.13
N ALA B 511 5.85 15.63 -31.45
CA ALA B 511 5.69 16.91 -32.12
C ALA B 511 6.99 17.70 -32.07
N GLU B 512 7.23 18.49 -33.11
CA GLU B 512 8.33 19.44 -33.10
C GLU B 512 8.22 20.34 -31.87
N TYR B 513 9.34 20.53 -31.20
CA TYR B 513 9.37 21.22 -29.91
C TYR B 513 10.69 21.98 -29.76
N GLN B 514 10.60 23.27 -29.47
CA GLN B 514 11.80 24.07 -29.22
C GLN B 514 12.16 23.89 -27.75
N ALA B 515 13.18 23.07 -27.48
CA ALA B 515 13.63 22.81 -26.12
C ALA B 515 14.77 23.75 -25.78
N GLY B 516 14.91 24.07 -24.50
CA GLY B 516 15.98 24.96 -24.09
C GLY B 516 17.33 24.25 -24.08
N ARG B 517 18.37 24.97 -24.48
CA ARG B 517 19.67 24.33 -24.68
C ARG B 517 20.28 23.84 -23.37
N PHE B 518 20.22 24.65 -22.31
CA PHE B 518 20.78 24.22 -21.03
C PHE B 518 20.02 23.02 -20.47
N ALA B 519 18.70 23.12 -20.41
CA ALA B 519 17.88 22.07 -19.82
C ALA B 519 17.92 20.80 -20.64
N LEU B 520 17.83 20.92 -21.97
CA LEU B 520 17.85 19.75 -22.83
C LEU B 520 19.17 19.01 -22.68
N SER B 521 20.29 19.72 -22.70
CA SER B 521 21.59 19.04 -22.63
C SER B 521 21.76 18.34 -21.27
N LEU B 522 21.31 18.98 -20.19
CA LEU B 522 21.38 18.32 -18.89
C LEU B 522 20.52 17.06 -18.87
N ARG B 523 19.26 17.18 -19.30
CA ARG B 523 18.35 16.04 -19.26
C ARG B 523 18.90 14.88 -20.09
N LYS B 524 19.35 15.17 -21.30
CA LYS B 524 19.86 14.10 -22.16
C LYS B 524 21.09 13.44 -21.55
N HIS B 525 21.94 14.23 -20.91
CA HIS B 525 23.13 13.68 -20.27
C HIS B 525 22.75 12.81 -19.08
N CYS B 526 21.76 13.25 -18.28
CA CYS B 526 21.24 12.38 -17.22
C CYS B 526 20.71 11.07 -17.79
N PHE B 527 19.82 11.16 -18.77
CA PHE B 527 19.20 9.96 -19.34
C PHE B 527 20.25 9.04 -19.95
N GLY B 528 21.20 9.60 -20.72
CA GLY B 528 22.19 8.76 -21.39
C GLY B 528 23.03 7.95 -20.43
N VAL B 529 23.51 8.59 -19.36
CA VAL B 529 24.33 7.87 -18.39
C VAL B 529 23.49 6.83 -17.66
N ILE B 530 22.28 7.20 -17.26
CA ILE B 530 21.41 6.30 -16.50
C ILE B 530 21.07 5.06 -17.33
N LEU B 531 20.80 5.25 -18.63
CA LEU B 531 20.36 4.16 -19.48
C LEU B 531 21.51 3.42 -20.14
N GLY B 532 22.73 3.92 -20.01
CA GLY B 532 23.87 3.30 -20.65
C GLY B 532 23.87 3.50 -22.16
N ALA B 533 23.74 4.76 -22.60
CA ALA B 533 23.83 5.07 -24.03
C ALA B 533 25.24 4.97 -24.58
N ASN B 534 26.26 4.93 -23.71
CA ASN B 534 27.61 4.63 -24.18
C ASN B 534 27.64 3.39 -25.06
N THR B 535 26.90 2.36 -24.65
CA THR B 535 26.97 1.03 -25.26
C THR B 535 25.79 0.73 -26.18
N ARG B 536 24.89 1.69 -26.39
CA ARG B 536 23.65 1.52 -27.11
C ARG B 536 23.61 2.44 -28.33
N PRO B 537 23.44 1.90 -29.54
CA PRO B 537 23.22 2.76 -30.72
C PRO B 537 21.75 2.98 -31.05
N ASP B 538 20.87 2.13 -30.50
CA ASP B 538 19.50 2.03 -30.94
C ASP B 538 18.52 2.85 -30.10
N LEU B 539 18.98 3.88 -29.39
CA LEU B 539 18.17 4.60 -28.43
C LEU B 539 18.12 6.08 -28.77
N ASP B 540 16.91 6.58 -29.06
CA ASP B 540 16.66 7.99 -29.29
C ASP B 540 16.33 8.67 -27.96
N LEU B 541 16.99 9.79 -27.69
CA LEU B 541 16.75 10.54 -26.46
C LEU B 541 16.11 11.90 -26.70
N ARG B 542 15.68 12.19 -27.94
CA ARG B 542 15.08 13.48 -28.20
C ARG B 542 13.75 13.64 -27.47
N ASP B 543 12.90 12.60 -27.51
CA ASP B 543 11.53 12.69 -27.01
C ASP B 543 11.47 12.09 -25.61
N PRO B 544 11.31 12.91 -24.57
CA PRO B 544 11.26 12.36 -23.20
C PRO B 544 9.91 11.83 -22.74
N ILE B 545 8.83 11.95 -23.51
CA ILE B 545 7.53 11.56 -22.96
C ILE B 545 6.72 10.63 -23.86
N CYS B 546 7.20 10.34 -25.06
CA CYS B 546 6.42 9.44 -25.92
C CYS B 546 6.31 8.06 -25.28
N ASP B 547 5.24 7.36 -25.65
CA ASP B 547 4.96 6.02 -25.11
C ASP B 547 6.18 5.11 -25.24
N ASP B 548 6.81 5.11 -26.41
CA ASP B 548 7.93 4.21 -26.66
C ASP B 548 9.04 4.42 -25.64
N PHE B 549 9.50 5.67 -25.48
CA PHE B 549 10.59 5.91 -24.57
C PHE B 549 10.19 5.63 -23.12
N PHE B 550 8.98 6.03 -22.72
CA PHE B 550 8.57 5.83 -21.34
C PHE B 550 8.46 4.35 -20.98
N GLN B 551 7.99 3.53 -21.93
CA GLN B 551 7.93 2.10 -21.69
C GLN B 551 9.32 1.48 -21.70
N LEU B 552 10.19 1.95 -22.60
CA LEU B 552 11.59 1.54 -22.56
C LEU B 552 12.21 1.83 -21.21
N TRP B 553 11.94 3.01 -20.66
CA TRP B 553 12.45 3.39 -19.35
C TRP B 553 11.98 2.42 -18.27
N GLN B 554 10.68 2.14 -18.23
CA GLN B 554 10.14 1.26 -17.19
C GLN B 554 10.61 -0.18 -17.39
N ASP B 555 10.73 -0.63 -18.64
CA ASP B 555 11.17 -2.00 -18.89
C ASP B 555 12.61 -2.21 -18.45
N MET B 556 13.47 -1.22 -18.72
CA MET B 556 14.86 -1.32 -18.27
C MET B 556 14.94 -1.27 -16.76
N ALA B 557 14.16 -0.40 -16.11
CA ALA B 557 14.15 -0.39 -14.65
C ALA B 557 13.75 -1.75 -14.09
N GLU B 558 12.74 -2.39 -14.69
CA GLU B 558 12.26 -3.66 -14.17
C GLU B 558 13.25 -4.79 -14.48
N SER B 559 13.73 -4.85 -15.72
CA SER B 559 14.69 -5.88 -16.12
C SER B 559 15.95 -5.82 -15.25
N ASN B 560 16.51 -4.63 -15.08
CA ASN B 560 17.72 -4.48 -14.27
C ASN B 560 17.48 -4.86 -12.82
N ALA B 561 16.35 -4.41 -12.25
CA ALA B 561 16.07 -4.72 -10.85
C ALA B 561 16.02 -6.22 -10.63
N ASN B 562 15.35 -6.95 -11.53
CA ASN B 562 15.21 -8.39 -11.32
C ASN B 562 16.52 -9.12 -11.55
N ILE B 563 17.38 -8.62 -12.44
CA ILE B 563 18.68 -9.26 -12.64
C ILE B 563 19.56 -9.07 -11.42
N TYR B 564 19.57 -7.84 -10.88
CA TYR B 564 20.33 -7.61 -9.65
C TYR B 564 19.78 -8.43 -8.49
N GLU B 565 18.46 -8.67 -8.48
CA GLU B 565 17.87 -9.49 -7.43
C GLU B 565 18.20 -10.96 -7.60
N GLN B 566 18.26 -11.43 -8.85
CA GLN B 566 18.55 -12.84 -9.10
C GLN B 566 20.01 -13.17 -8.83
N ILE B 567 20.91 -12.20 -8.94
CA ILE B 567 22.34 -12.45 -8.87
C ILE B 567 22.95 -11.99 -7.57
N PHE B 568 22.45 -10.89 -6.99
CA PHE B 568 23.01 -10.38 -5.75
C PHE B 568 22.06 -10.49 -4.58
N ARG B 569 20.76 -10.69 -4.82
CA ARG B 569 19.75 -10.65 -3.75
C ARG B 569 19.93 -9.40 -2.91
N CYS B 570 20.28 -8.30 -3.57
CA CYS B 570 20.59 -7.06 -2.88
C CYS B 570 19.32 -6.42 -2.31
N LEU B 571 19.49 -5.71 -1.20
CA LEU B 571 18.42 -4.95 -0.57
C LEU B 571 18.56 -3.47 -0.90
N PRO B 572 17.44 -2.72 -1.00
CA PRO B 572 16.06 -3.17 -0.77
C PRO B 572 15.47 -3.95 -1.94
N SER B 573 14.33 -4.60 -1.71
CA SER B 573 13.65 -5.33 -2.76
C SER B 573 12.22 -5.61 -2.31
N ASN B 574 11.38 -5.95 -3.27
CA ASN B 574 10.01 -6.32 -2.96
C ASN B 574 9.88 -7.73 -2.43
N ALA B 575 10.97 -8.50 -2.37
CA ALA B 575 10.89 -9.86 -1.85
C ALA B 575 10.73 -9.88 -0.34
N THR B 576 11.29 -8.90 0.37
CA THR B 576 11.30 -8.87 1.83
C THR B 576 10.35 -7.77 2.30
N ARG B 577 9.08 -8.15 2.48
CA ARG B 577 8.06 -7.22 2.94
C ARG B 577 7.95 -7.15 4.45
N SER B 578 8.72 -7.98 5.18
CA SER B 578 8.70 -7.99 6.63
C SER B 578 10.10 -8.23 7.15
N LEU B 579 10.28 -8.01 8.46
CA LEU B 579 11.62 -8.06 9.05
C LEU B 579 12.10 -9.50 9.19
N ARG B 580 11.22 -10.41 9.60
CA ARG B 580 11.67 -11.79 9.75
C ARG B 580 11.70 -12.52 8.42
N THR B 581 10.91 -12.11 7.43
CA THR B 581 11.13 -12.59 6.08
C THR B 581 12.49 -12.12 5.56
N LEU B 582 12.92 -10.93 5.99
CA LEU B 582 14.22 -10.42 5.57
C LEU B 582 15.37 -11.19 6.19
N ARG B 583 15.25 -11.53 7.49
CA ARG B 583 16.36 -12.22 8.15
C ARG B 583 16.54 -13.65 7.61
N GLU B 584 15.47 -14.25 7.07
CA GLU B 584 15.64 -15.50 6.35
C GLU B 584 16.19 -15.26 4.95
N TYR B 585 15.76 -14.18 4.31
CA TYR B 585 16.22 -13.86 2.96
C TYR B 585 17.72 -13.55 2.94
N VAL B 586 18.23 -12.88 3.98
CA VAL B 586 19.64 -12.52 4.00
C VAL B 586 20.52 -13.71 4.33
N ALA B 587 19.95 -14.77 4.89
CA ALA B 587 20.70 -15.96 5.26
C ALA B 587 21.07 -16.83 4.07
N VAL B 588 20.70 -16.44 2.85
CA VAL B 588 21.00 -17.20 1.64
C VAL B 588 22.15 -16.52 0.92
N GLU B 589 23.19 -17.29 0.63
CA GLU B 589 24.30 -16.76 -0.15
C GLU B 589 23.87 -16.54 -1.60
N PRO B 590 24.15 -15.39 -2.20
CA PRO B 590 23.68 -15.13 -3.56
C PRO B 590 24.57 -15.81 -4.60
N LEU B 591 24.05 -15.84 -5.84
CA LEU B 591 24.74 -16.50 -6.93
C LEU B 591 26.06 -15.82 -7.29
N ALA B 592 26.18 -14.51 -7.03
CA ALA B 592 27.41 -13.79 -7.36
C ALA B 592 28.64 -14.45 -6.74
N THR B 593 28.56 -14.81 -5.46
CA THR B 593 29.71 -15.41 -4.79
C THR B 593 29.78 -16.92 -4.96
N VAL B 594 28.66 -17.56 -5.27
CA VAL B 594 28.65 -19.01 -5.46
C VAL B 594 29.28 -19.37 -6.81
N SER B 595 28.76 -18.82 -7.90
CA SER B 595 29.18 -19.15 -9.26
C SER B 595 29.57 -17.88 -10.00
N PRO B 596 30.76 -17.34 -9.72
CA PRO B 596 31.18 -16.07 -10.34
C PRO B 596 31.07 -16.08 -11.87
N PRO B 597 31.69 -17.05 -12.57
CA PRO B 597 31.61 -17.00 -14.05
C PRO B 597 30.17 -17.03 -14.54
N LEU B 598 29.30 -17.74 -13.83
CA LEU B 598 27.88 -17.72 -14.13
C LEU B 598 27.28 -16.34 -13.89
N ALA B 599 27.57 -15.76 -12.72
CA ALA B 599 27.05 -14.44 -12.41
C ALA B 599 27.64 -13.38 -13.35
N ARG B 600 28.91 -13.54 -13.72
CA ARG B 600 29.52 -12.59 -14.66
C ARG B 600 28.75 -12.55 -15.97
N SER B 601 28.40 -13.73 -16.50
CA SER B 601 27.79 -13.78 -17.83
C SER B 601 26.35 -13.29 -17.80
N GLU B 602 25.62 -13.58 -16.72
CA GLU B 602 24.23 -13.13 -16.63
C GLU B 602 24.13 -11.63 -16.35
N LEU B 603 25.20 -11.00 -15.86
CA LEU B 603 25.20 -9.57 -15.61
C LEU B 603 25.43 -8.75 -16.88
N THR B 604 25.93 -9.37 -17.95
CA THR B 604 25.98 -8.69 -19.23
C THR B 604 24.61 -8.28 -19.73
N GLN B 605 23.54 -8.86 -19.18
CA GLN B 605 22.19 -8.45 -19.53
C GLN B 605 21.80 -7.13 -18.88
N VAL B 606 22.56 -6.63 -17.91
CA VAL B 606 22.26 -5.34 -17.32
C VAL B 606 22.59 -4.25 -18.34
N GLN B 607 21.69 -3.29 -18.50
CA GLN B 607 21.90 -2.18 -19.42
C GLN B 607 21.72 -0.87 -18.65
N GLY B 608 22.79 -0.11 -18.54
CA GLY B 608 22.73 1.11 -17.77
C GLY B 608 22.66 0.82 -16.28
N HIS B 609 22.24 1.84 -15.52
CA HIS B 609 22.19 1.79 -14.06
C HIS B 609 20.77 1.90 -13.50
N LEU B 610 19.77 2.15 -14.34
CA LEU B 610 18.43 2.38 -13.85
C LEU B 610 17.85 1.12 -13.23
N VAL B 611 17.23 1.25 -12.05
CA VAL B 611 16.53 0.14 -11.44
C VAL B 611 15.23 0.65 -10.83
N HIS B 612 14.19 -0.18 -10.92
CA HIS B 612 12.89 0.16 -10.36
C HIS B 612 12.98 0.27 -8.83
N PHE B 613 12.36 1.30 -8.29
CA PHE B 613 12.36 1.50 -6.84
C PHE B 613 11.39 0.50 -6.21
N PRO B 614 11.83 -0.31 -5.26
CA PRO B 614 10.94 -1.34 -4.69
C PRO B 614 10.01 -0.74 -3.69
N LEU B 615 8.72 -0.61 -4.05
CA LEU B 615 7.71 0.04 -3.23
C LEU B 615 7.18 -0.83 -2.10
N LYS B 616 7.45 -2.13 -2.12
CA LYS B 616 6.86 -3.04 -1.15
C LYS B 616 7.86 -3.47 -0.08
N PHE B 617 9.05 -2.89 -0.07
CA PHE B 617 10.10 -3.25 0.88
C PHE B 617 9.67 -2.91 2.30
N LEU B 618 9.69 -3.91 3.18
CA LEU B 618 9.32 -3.74 4.58
C LEU B 618 7.95 -3.07 4.73
N GLU B 619 7.03 -3.39 3.81
CA GLU B 619 5.72 -2.75 3.79
C GLU B 619 4.78 -3.31 4.86
N ASP B 620 5.25 -4.19 5.74
CA ASP B 620 4.41 -4.78 6.78
C ASP B 620 4.83 -4.38 8.18
N GLU B 621 5.63 -3.32 8.30
CA GLU B 621 6.05 -2.82 9.61
C GLU B 621 5.76 -1.34 9.74
N SER B 622 5.80 -0.86 10.98
CA SER B 622 5.56 0.56 11.24
C SER B 622 6.74 1.41 10.80
N LEU B 623 7.96 0.84 10.82
CA LEU B 623 9.18 1.45 10.33
C LEU B 623 9.62 2.66 11.13
N LEU B 624 9.05 2.90 12.30
CA LEU B 624 9.42 4.08 13.08
C LEU B 624 9.46 3.79 14.58
N ILE B 634 13.92 11.74 20.39
CA ILE B 634 14.22 12.74 19.37
C ILE B 634 12.93 13.18 18.69
N PRO B 635 12.81 14.48 18.40
CA PRO B 635 11.59 14.98 17.72
C PRO B 635 11.48 14.43 16.32
N LEU B 636 10.23 14.16 15.91
CA LEU B 636 10.01 13.56 14.60
C LEU B 636 10.34 14.52 13.46
N GLU B 637 10.25 15.83 13.68
CA GLU B 637 10.62 16.80 12.65
C GLU B 637 12.09 16.76 12.28
N VAL B 638 12.90 16.02 13.05
CA VAL B 638 14.29 15.81 12.67
C VAL B 638 14.37 15.05 11.35
N TRP B 639 13.39 14.18 11.08
CA TRP B 639 13.42 13.32 9.90
C TRP B 639 12.65 13.89 8.70
N THR B 640 11.82 14.92 8.88
CA THR B 640 10.95 15.39 7.81
C THR B 640 11.38 16.71 7.13
S SO4 C . -30.02 0.23 -16.86
O1 SO4 C . -30.25 1.39 -17.70
O2 SO4 C . -30.89 -0.88 -17.23
O3 SO4 C . -28.63 -0.22 -17.04
O4 SO4 C . -30.30 0.61 -15.48
S SO4 D . -4.24 -20.73 29.38
O1 SO4 D . -3.49 -20.94 28.15
O2 SO4 D . -5.67 -20.84 29.09
O3 SO4 D . -3.87 -21.74 30.36
O4 SO4 D . -3.98 -19.39 29.90
S SO4 E . -9.77 6.37 15.08
O1 SO4 E . -10.42 5.23 14.44
O2 SO4 E . -10.44 7.61 14.73
O3 SO4 E . -8.37 6.40 14.65
O4 SO4 E . -9.83 6.19 16.54
S SO4 F . -1.72 -36.04 10.54
O1 SO4 F . -2.39 -35.50 9.35
O2 SO4 F . -2.70 -36.30 11.58
O3 SO4 F . -0.72 -35.08 11.01
O4 SO4 F . -1.05 -37.29 10.17
S SO4 G . -19.07 1.46 -15.61
O1 SO4 G . -18.78 2.36 -16.71
O2 SO4 G . -20.52 1.32 -15.48
O3 SO4 G . -18.52 2.01 -14.37
O4 SO4 G . -18.47 0.15 -15.86
S SO4 H . -34.31 -19.01 13.95
O1 SO4 H . -34.98 -17.78 13.52
O2 SO4 H . -35.27 -20.11 13.95
O3 SO4 H . -33.79 -18.82 15.31
O4 SO4 H . -33.21 -19.32 13.04
S SO4 I . -30.29 -6.50 -19.46
O1 SO4 I . -31.44 -5.63 -19.26
O2 SO4 I . -30.63 -7.57 -20.39
O3 SO4 I . -29.17 -5.72 -20.00
O4 SO4 I . -29.89 -7.09 -18.18
S SO4 J . -24.70 -22.72 28.81
O1 SO4 J . -25.52 -22.38 27.66
O2 SO4 J . -25.50 -22.65 30.02
O3 SO4 J . -23.59 -21.77 28.92
O4 SO4 J . -24.16 -24.07 28.65
C1 GOL K . -22.54 -14.05 -1.62
O1 GOL K . -21.28 -14.67 -1.61
C2 GOL K . -23.23 -14.45 -2.92
O2 GOL K . -23.41 -15.82 -3.04
C3 GOL K . -24.54 -13.65 -2.91
O3 GOL K . -25.41 -14.22 -1.99
C1 GOL L . -9.26 -36.97 9.12
O1 GOL L . -9.86 -38.21 8.85
C2 GOL L . -8.78 -36.39 7.77
O2 GOL L . -9.73 -35.55 7.18
C3 GOL L . -7.50 -35.64 8.13
O3 GOL L . -6.47 -36.23 7.40
C1 GOL M . -5.19 -32.01 -4.51
O1 GOL M . -6.23 -32.63 -5.20
C2 GOL M . -4.50 -31.01 -5.47
O2 GOL M . -3.39 -30.40 -4.91
C3 GOL M . -5.59 -30.00 -5.83
O3 GOL M . -5.14 -29.37 -6.98
C1 GOL N . 0.39 -11.51 23.71
O1 GOL N . -0.64 -12.39 23.40
C2 GOL N . 0.74 -10.81 22.39
O2 GOL N . 1.79 -9.93 22.54
C3 GOL N . 1.07 -11.93 21.43
O3 GOL N . 1.67 -11.33 20.33
S SO4 O . 10.91 40.63 -10.19
O1 SO4 O . 9.52 40.48 -10.61
O2 SO4 O . 11.72 41.06 -11.33
O3 SO4 O . 11.42 39.36 -9.71
O4 SO4 O . 10.98 41.64 -9.13
S SO4 P . 0.23 15.88 -26.17
O1 SO4 P . 0.03 14.85 -27.18
O2 SO4 P . -0.25 17.16 -26.67
O3 SO4 P . 1.65 15.99 -25.88
O4 SO4 P . -0.51 15.51 -24.96
S SO4 Q . 32.43 13.26 -15.80
O1 SO4 Q . 31.73 13.59 -17.03
O2 SO4 Q . 31.48 13.20 -14.69
O3 SO4 Q . 33.00 11.93 -16.03
O4 SO4 Q . 33.47 14.26 -15.47
S SO4 R . -1.42 -1.39 -9.30
O1 SO4 R . -1.40 -2.60 -10.12
O2 SO4 R . -2.74 -1.19 -8.72
O3 SO4 R . -0.43 -1.50 -8.22
O4 SO4 R . -1.09 -0.25 -10.15
S SO4 S . 34.78 28.86 17.03
O1 SO4 S . 33.64 28.67 17.93
O2 SO4 S . 34.29 29.23 15.71
O3 SO4 S . 35.54 27.62 16.95
O4 SO4 S . 35.64 29.92 17.54
S SO4 T . 34.93 -1.00 -10.72
O1 SO4 T . 34.97 -2.46 -10.71
O2 SO4 T . 33.55 -0.56 -10.72
O3 SO4 T . 35.62 -0.49 -11.91
O4 SO4 T . 35.62 -0.49 -9.53
S SO4 U . -8.51 -0.18 -12.59
O1 SO4 U . -9.71 0.64 -12.41
O2 SO4 U . -8.88 -1.47 -13.18
O3 SO4 U . -7.88 -0.41 -11.29
O4 SO4 U . -7.57 0.49 -13.48
S SO4 V . 47.14 13.53 -15.19
O1 SO4 V . 45.95 12.88 -14.68
O2 SO4 V . 46.74 14.63 -16.05
O3 SO4 V . 47.93 12.57 -15.95
O4 SO4 V . 47.92 14.04 -14.07
S SO4 W . 35.54 21.80 18.79
O1 SO4 W . 34.87 21.12 17.71
O2 SO4 W . 35.35 23.25 18.66
O3 SO4 W . 34.99 21.36 20.07
O4 SO4 W . 36.98 21.49 18.75
C1 GOL X . 23.14 15.82 3.10
O1 GOL X . 21.95 16.30 2.52
C2 GOL X . 24.23 16.65 2.43
O2 GOL X . 23.76 17.85 2.01
C3 GOL X . 25.37 16.75 3.37
O3 GOL X . 26.46 17.10 2.56
C1 GOL Y . 5.79 -3.57 -8.78
O1 GOL Y . 4.49 -3.71 -9.29
C2 GOL Y . 5.85 -2.21 -7.99
O2 GOL Y . 4.62 -1.57 -7.95
C3 GOL Y . 6.36 -2.59 -6.58
O3 GOL Y . 7.49 -1.81 -6.31
C1 GOL Z . -2.65 0.70 0.17
O1 GOL Z . -3.08 1.31 -1.01
C2 GOL Z . -1.74 1.74 0.90
O2 GOL Z . -2.46 2.59 1.71
C3 GOL Z . -0.71 0.88 1.67
O3 GOL Z . -0.89 1.13 3.03
C1 GOL AA . 23.47 31.91 16.64
O1 GOL AA . 23.52 33.29 16.40
C2 GOL AA . 24.70 31.57 17.50
O2 GOL AA . 24.72 30.23 17.74
C3 GOL AA . 25.93 31.98 16.69
O3 GOL AA . 26.98 32.12 17.59
S1 DTT BA . 9.52 8.32 -29.01
C1 DTT BA . 10.60 7.03 -29.66
C2 DTT BA . 10.95 7.30 -31.11
O2 DTT BA . 11.85 8.39 -31.16
C3 DTT BA . 9.68 7.65 -31.90
O3 DTT BA . 8.53 7.49 -31.10
C4 DTT BA . 9.74 9.07 -32.45
S4 DTT BA . 8.68 10.25 -31.55
#